data_5M0M
#
_entry.id   5M0M
#
_cell.length_a   62.995
_cell.length_b   89.173
_cell.length_c   77.289
_cell.angle_alpha   90.00
_cell.angle_beta   103.12
_cell.angle_gamma   90.00
#
_symmetry.space_group_name_H-M   'P 1 21 1'
#
loop_
_entity.id
_entity.type
_entity.pdbx_description
1 polymer 'Ectonucleotide pyrophosphatase/phosphodiesterase family member 2'
2 branched alpha-D-mannopyranose-(1-2)-alpha-D-mannopyranose-(1-3)-[alpha-D-mannopyranose-(1-2)-alpha-D-mannopyranose-(1-6)]alpha-D-mannopyranose-(1-6)-[alpha-D-mannopyranose-(1-3)]beta-D-mannopyranose-(1-4)-2-acetamido-2-deoxy-beta-D-glucopyranose-(1-4)-2-acetamido-2-deoxy-beta-D-glucopyranose
3 non-polymer 'IODIDE ION'
4 non-polymer 'ZINC ION'
5 non-polymer 'CALCIUM ION'
6 non-polymer '[3,5-bis(chloranyl)phenyl]methyl (3~{R})-3-[[(4~{R})-4-[(3~{R},5~{S},7~{S},8~{R},9~{S},10~{S},13~{R},14~{S},17~{R})-10,13-dimethyl-3,7-bis(oxidanyl)-2,3,4,5,6,7,8,9,11,12,14,15,16,17-tetradecahydro-1~{H}-cyclopenta[a]phenanthren-17-yl]pentanoyl]amino]pyrrolidine-1-carboxylate'
7 non-polymer 'SODIUM ION'
8 non-polymer 'THIOCYANATE ION'
9 non-polymer GLYCEROL
10 non-polymer '(2R)-2-hydroxy-3-(phosphonooxy)propyl (9E)-octadec-9-enoate'
11 water water
#
_entity_poly.entity_id   1
_entity_poly.type   'polypeptide(L)'
_entity_poly.pdbx_seq_one_letter_code
;AEWDEGPPTVLSDSPWTNTSGSCKGRCFELQEVGPPDCRCDNLCKSYSSCCHDFDELCLKTARGWECTKDRCGEVRNEEN
ACHCSEDCLSRGDCCTNYQVVCKGESHWVDDDCEEIKVPECPAGFVRPPLIIFSVDGFRASYMKKGSKVMPNIEKLRSCG
THAPYMRPVYPTKTFPNLYTLATGLYPESHGIVGNSMYDPVFDASFHLRGREKFNHRWWGGQPLWITATKQGVRAGTFFW
SVSIPHERRILTILQWLSLPDNERPSVYAFYSEQPDFSGHKYGPFGPEMTNPLREIDKTVGQLMDGLKQLRLHRCVNVIF
VGDHGMEDVTCDRTEFLSNYLTNVDDITLVPGTLGRIRAKSINNSKYDPKTIIAALTCKKPDQHFKPYMKQHLPKRLHYA
NNRRIEDIHLLVDRRWHVARKPLDVYKKPSGKCFFQGDHGFDNKVNSMQTVFVGYGPTFKYRTKVPPFENIELYNVMCDL
LGLKPAPNNGTHGSLNHLLRTNTFRPTMPDEVSRPNYPGIMYLQSEFDLGCTCDDKVEPKNKLEEFNKRLHTKGSTKERH
LLYGRPAVLYRTSYDILYHTDFESGYSEIFLMPLWTSYTISKQAEVSSIPEHLTNCVRPDVRVSPGFSQNCLAYKNDKQM
SYGFLFPPYLSSSPEAKYDAFLVTNMVPMYPAFKRVWAYFQRVLVKKYASERNGVNVISGPIFDYNYDGLRDTEDEIKQY
VEGSSIPVPTHYYSIITSCLDFTQPADKCDGPLSVSSFILPHRPDNDESCASSEDESKWVEELMKMHTARVRDIEHLTGL
DFYRKTSRSYSEILTLKTYLHTYESEI
;
_entity_poly.pdbx_strand_id   A
#
loop_
_chem_comp.id
_chem_comp.type
_chem_comp.name
_chem_comp.formula
7CF non-polymer '[3,5-bis(chloranyl)phenyl]methyl (3~{R})-3-[[(4~{R})-4-[(3~{R},5~{S},7~{S},8~{R},9~{S},10~{S},13~{R},14~{S},17~{R})-10,13-dimethyl-3,7-bis(oxidanyl)-2,3,4,5,6,7,8,9,11,12,14,15,16,17-tetradecahydro-1~{H}-cyclopenta[a]phenanthren-17-yl]pentanoyl]amino]pyrrolidine-1-carboxylate' 'C36 H52 Cl2 N2 O5'
BMA D-saccharide, beta linking beta-D-mannopyranose 'C6 H12 O6'
CA non-polymer 'CALCIUM ION' 'Ca 2'
GOL non-polymer GLYCEROL 'C3 H8 O3'
IOD non-polymer 'IODIDE ION' 'I -1'
MAN D-saccharide, alpha linking alpha-D-mannopyranose 'C6 H12 O6'
NA non-polymer 'SODIUM ION' 'Na 1'
NAG D-saccharide, beta linking 2-acetamido-2-deoxy-beta-D-glucopyranose 'C8 H15 N O6'
NKP non-polymer '(2R)-2-hydroxy-3-(phosphonooxy)propyl (9E)-octadec-9-enoate' 'C21 H41 O7 P'
SCN non-polymer 'THIOCYANATE ION' 'C N S -1'
ZN non-polymer 'ZINC ION' 'Zn 2'
#
# COMPACT_ATOMS: atom_id res chain seq x y z
N SER A 20 -32.13 -21.22 23.56
CA SER A 20 -31.39 -20.60 24.70
C SER A 20 -31.05 -21.61 25.83
N GLY A 21 -30.36 -22.69 25.47
CA GLY A 21 -29.96 -23.75 26.40
C GLY A 21 -28.56 -23.58 27.01
N SER A 22 -27.63 -24.44 26.61
CA SER A 22 -26.34 -24.60 27.30
C SER A 22 -25.15 -24.92 26.36
N CYS A 23 -23.94 -24.63 26.83
CA CYS A 23 -22.75 -24.78 26.01
C CYS A 23 -21.98 -26.08 26.21
N LYS A 24 -22.50 -27.00 27.03
CA LYS A 24 -21.75 -28.20 27.40
C LYS A 24 -21.42 -29.04 26.18
N GLY A 25 -20.13 -29.33 25.99
CA GLY A 25 -19.62 -29.97 24.77
C GLY A 25 -19.49 -29.08 23.53
N ARG A 26 -19.80 -27.79 23.63
CA ARG A 26 -19.89 -26.90 22.47
C ARG A 26 -19.02 -25.63 22.61
N CYS A 27 -18.10 -25.59 23.58
CA CYS A 27 -17.30 -24.35 23.76
C CYS A 27 -16.44 -24.08 22.55
N PHE A 28 -16.50 -22.84 22.06
CA PHE A 28 -15.77 -22.42 20.86
C PHE A 28 -16.03 -23.34 19.67
N GLU A 29 -17.26 -23.85 19.56
CA GLU A 29 -17.66 -24.65 18.40
C GLU A 29 -17.53 -23.80 17.15
N LEU A 30 -17.24 -24.45 16.02
CA LEU A 30 -16.92 -23.75 14.78
C LEU A 30 -18.14 -23.55 13.87
N GLN A 31 -19.28 -24.09 14.26
CA GLN A 31 -20.50 -23.91 13.49
C GLN A 31 -21.26 -22.69 13.96
N GLU A 32 -22.11 -22.19 13.07
CA GLU A 32 -23.10 -21.18 13.43
C GLU A 32 -24.37 -21.87 13.91
N VAL A 33 -25.03 -21.24 14.88
CA VAL A 33 -26.20 -21.80 15.55
C VAL A 33 -27.24 -20.71 15.67
N GLY A 34 -28.51 -21.09 15.51
CA GLY A 34 -29.65 -20.18 15.63
C GLY A 34 -29.62 -19.12 14.54
N PRO A 35 -30.39 -18.03 14.67
CA PRO A 35 -31.40 -17.86 15.73
C PRO A 35 -32.55 -18.86 15.63
N PRO A 36 -33.35 -19.04 16.69
CA PRO A 36 -33.22 -18.33 17.97
C PRO A 36 -32.12 -18.84 18.92
N ASP A 37 -31.56 -20.03 18.64
CA ASP A 37 -30.71 -20.77 19.60
C ASP A 37 -29.43 -20.05 19.99
N CYS A 38 -29.03 -20.23 21.26
CA CYS A 38 -27.87 -19.53 21.80
C CYS A 38 -26.56 -20.14 21.29
N ARG A 39 -25.52 -19.33 21.33
CA ARG A 39 -24.27 -19.60 20.63
C ARG A 39 -23.17 -19.85 21.67
N CYS A 40 -22.12 -20.56 21.26
CA CYS A 40 -20.96 -20.83 22.11
C CYS A 40 -19.62 -20.56 21.37
N ASP A 41 -19.70 -19.89 20.23
CA ASP A 41 -18.55 -19.64 19.36
C ASP A 41 -17.75 -18.46 19.87
N ASN A 42 -16.61 -18.21 19.27
CA ASN A 42 -15.72 -17.18 19.76
C ASN A 42 -16.20 -15.72 19.54
N LEU A 43 -17.30 -15.52 18.83
CA LEU A 43 -17.93 -14.21 18.73
C LEU A 43 -19.28 -14.07 19.45
N CYS A 44 -19.76 -15.11 20.13
CA CYS A 44 -21.08 -15.04 20.76
C CYS A 44 -21.23 -13.81 21.66
N LYS A 45 -20.18 -13.47 22.42
CA LYS A 45 -20.20 -12.27 23.29
C LYS A 45 -20.42 -10.97 22.48
N SER A 46 -19.89 -10.93 21.27
CA SER A 46 -20.04 -9.72 20.45
C SER A 46 -21.48 -9.51 19.99
N TYR A 47 -22.27 -10.58 19.94
CA TYR A 47 -23.66 -10.51 19.56
C TYR A 47 -24.60 -10.70 20.73
N SER A 48 -24.11 -10.48 21.96
CA SER A 48 -24.86 -10.71 23.20
C SER A 48 -25.73 -11.95 23.12
N SER A 49 -25.16 -13.04 22.62
CA SER A 49 -25.91 -14.23 22.28
C SER A 49 -25.37 -15.51 22.91
N CYS A 50 -24.39 -15.44 23.80
CA CYS A 50 -23.84 -16.65 24.40
C CYS A 50 -24.89 -17.30 25.31
N CYS A 51 -24.86 -18.63 25.41
CA CYS A 51 -25.73 -19.33 26.35
C CYS A 51 -25.34 -18.92 27.77
N HIS A 52 -26.32 -18.95 28.68
CA HIS A 52 -26.16 -18.50 30.08
C HIS A 52 -24.96 -19.09 30.83
N ASP A 53 -24.54 -20.32 30.49
CA ASP A 53 -23.38 -20.93 31.13
C ASP A 53 -22.07 -20.84 30.32
N PHE A 54 -21.95 -19.84 29.46
CA PHE A 54 -20.74 -19.67 28.64
C PHE A 54 -19.56 -19.25 29.51
N ASP A 55 -19.76 -18.22 30.34
CA ASP A 55 -18.75 -17.74 31.30
C ASP A 55 -18.30 -18.88 32.21
N GLU A 56 -19.26 -19.71 32.65
CA GLU A 56 -18.97 -20.85 33.52
C GLU A 56 -18.17 -21.95 32.82
N LEU A 57 -18.66 -22.49 31.71
CA LEU A 57 -18.02 -23.64 31.08
C LEU A 57 -16.81 -23.25 30.23
N CYS A 58 -16.97 -22.21 29.41
CA CYS A 58 -16.02 -21.91 28.33
C CYS A 58 -14.91 -20.93 28.69
N LEU A 59 -15.14 -20.11 29.71
CA LEU A 59 -14.13 -19.13 30.12
C LEU A 59 -13.61 -19.45 31.51
N LYS A 60 -13.32 -20.72 31.78
CA LYS A 60 -12.69 -21.11 33.04
C LYS A 60 -11.35 -20.39 33.21
N THR A 61 -11.09 -19.86 34.42
CA THR A 61 -9.78 -19.19 34.70
C THR A 61 -9.02 -19.71 35.90
N ALA A 62 -9.56 -20.72 36.58
CA ALA A 62 -9.02 -21.20 37.84
C ALA A 62 -7.61 -21.75 37.70
N ARG A 63 -6.71 -21.20 38.51
CA ARG A 63 -5.30 -21.60 38.64
C ARG A 63 -4.40 -21.10 37.52
N GLY A 64 -4.87 -20.14 36.72
CA GLY A 64 -4.04 -19.51 35.73
C GLY A 64 -3.78 -20.35 34.48
N TRP A 65 -2.75 -19.98 33.76
CA TRP A 65 -2.49 -20.54 32.44
C TRP A 65 -1.22 -21.39 32.33
N GLU A 66 -0.50 -21.55 33.44
CA GLU A 66 0.80 -22.19 33.43
C GLU A 66 0.74 -23.36 34.38
N CYS A 67 1.19 -24.53 33.95
CA CYS A 67 1.48 -25.62 34.86
C CYS A 67 2.64 -25.25 35.79
N THR A 68 2.61 -25.86 36.98
CA THR A 68 3.69 -25.83 37.98
C THR A 68 4.00 -27.24 38.43
N LYS A 69 5.19 -27.44 39.00
CA LYS A 69 5.61 -28.79 39.35
C LYS A 69 4.55 -29.50 40.22
N ASP A 70 4.03 -28.79 41.21
CA ASP A 70 2.92 -29.25 42.09
C ASP A 70 1.83 -30.05 41.38
N ARG A 71 1.38 -29.50 40.26
CA ARG A 71 0.25 -30.02 39.53
C ARG A 71 0.50 -31.18 38.59
N CYS A 72 1.77 -31.54 38.32
CA CYS A 72 2.09 -32.59 37.31
C CYS A 72 1.51 -33.96 37.67
N GLY A 73 0.70 -34.52 36.79
CA GLY A 73 -0.01 -35.77 37.06
C GLY A 73 -1.12 -35.66 38.11
N GLU A 74 -1.62 -34.43 38.34
CA GLU A 74 -2.83 -34.17 39.13
C GLU A 74 -4.01 -34.94 38.57
N VAL A 75 -4.98 -35.20 39.45
CA VAL A 75 -6.27 -35.69 39.02
C VAL A 75 -7.04 -34.52 38.39
N ARG A 76 -7.49 -34.74 37.15
CA ARG A 76 -8.24 -33.75 36.38
C ARG A 76 -9.38 -33.12 37.18
N ASN A 77 -9.30 -31.81 37.39
CA ASN A 77 -10.38 -31.01 37.94
C ASN A 77 -10.94 -30.18 36.80
N GLU A 78 -12.23 -30.35 36.48
CA GLU A 78 -12.87 -29.61 35.35
C GLU A 78 -12.95 -28.10 35.53
N GLU A 79 -12.76 -27.59 36.76
CA GLU A 79 -12.71 -26.14 37.00
C GLU A 79 -11.43 -25.39 36.51
N ASN A 80 -10.34 -26.10 36.22
CA ASN A 80 -9.08 -25.42 35.90
C ASN A 80 -9.16 -24.84 34.49
N ALA A 81 -8.47 -23.73 34.28
CA ALA A 81 -8.39 -23.10 32.96
C ALA A 81 -7.78 -24.03 31.91
N CYS A 82 -6.71 -24.71 32.30
CA CYS A 82 -6.04 -25.71 31.51
C CYS A 82 -5.46 -26.76 32.46
N HIS A 83 -5.03 -27.91 31.93
CA HIS A 83 -4.71 -29.07 32.77
C HIS A 83 -3.28 -29.57 32.66
N CYS A 84 -2.82 -30.22 33.74
CA CYS A 84 -1.50 -30.86 33.85
C CYS A 84 -1.63 -32.34 34.25
N SER A 85 -2.76 -32.96 33.90
CA SER A 85 -3.01 -34.37 34.17
C SER A 85 -2.43 -35.24 33.06
N GLU A 86 -2.21 -36.52 33.34
CA GLU A 86 -1.71 -37.47 32.31
C GLU A 86 -2.59 -37.55 31.05
N ASP A 87 -3.91 -37.45 31.20
CA ASP A 87 -4.83 -37.42 30.02
C ASP A 87 -4.86 -36.12 29.21
N CYS A 88 -4.26 -35.03 29.69
CA CYS A 88 -4.46 -33.75 29.06
C CYS A 88 -4.10 -33.79 27.57
N LEU A 89 -3.05 -34.52 27.23
CA LEU A 89 -2.62 -34.62 25.82
C LEU A 89 -3.61 -35.40 24.95
N SER A 90 -4.23 -36.44 25.50
CA SER A 90 -5.36 -37.09 24.84
C SER A 90 -6.46 -36.05 24.65
N ARG A 91 -6.84 -35.47 25.78
CA ARG A 91 -7.98 -34.56 25.87
C ARG A 91 -7.78 -33.24 25.14
N GLY A 92 -6.54 -32.89 24.75
CA GLY A 92 -6.26 -31.71 23.92
C GLY A 92 -6.22 -30.37 24.66
N ASP A 93 -6.25 -30.40 25.99
CA ASP A 93 -6.37 -29.18 26.83
C ASP A 93 -5.32 -29.01 27.97
N CYS A 94 -4.09 -29.48 27.74
CA CYS A 94 -2.98 -29.09 28.59
C CYS A 94 -2.71 -27.59 28.51
N CYS A 95 -2.19 -27.03 29.60
CA CYS A 95 -1.52 -25.75 29.55
C CYS A 95 -0.35 -25.83 28.56
N THR A 96 -0.02 -24.68 27.97
CA THR A 96 0.97 -24.65 26.89
C THR A 96 2.38 -25.06 27.37
N ASN A 97 2.66 -24.89 28.66
CA ASN A 97 3.93 -25.26 29.23
C ASN A 97 3.95 -26.67 29.89
N TYR A 98 2.90 -27.47 29.68
CA TYR A 98 2.74 -28.71 30.45
C TYR A 98 3.95 -29.60 30.26
N GLN A 99 4.28 -29.89 29.01
CA GLN A 99 5.41 -30.75 28.72
C GLN A 99 6.74 -30.22 29.19
N VAL A 100 6.89 -28.90 29.21
CA VAL A 100 8.14 -28.30 29.63
C VAL A 100 8.33 -28.47 31.14
N VAL A 101 7.27 -28.22 31.90
CA VAL A 101 7.30 -28.30 33.36
C VAL A 101 7.24 -29.73 33.87
N CYS A 102 6.56 -30.62 33.15
CA CYS A 102 6.22 -32.00 33.60
C CYS A 102 6.96 -33.13 32.89
N LYS A 103 7.36 -32.94 31.63
CA LYS A 103 8.13 -33.96 30.88
C LYS A 103 9.59 -33.57 30.65
N GLY A 104 10.06 -32.47 31.24
CA GLY A 104 11.39 -31.96 30.93
C GLY A 104 11.63 -31.68 29.45
N GLU A 105 10.60 -31.22 28.74
CA GLU A 105 10.77 -30.70 27.38
C GLU A 105 11.34 -29.29 27.44
N SER A 106 11.83 -28.78 26.34
CA SER A 106 12.30 -27.41 26.28
C SER A 106 11.21 -26.52 25.71
N HIS A 107 11.18 -25.29 26.18
CA HIS A 107 10.44 -24.24 25.53
C HIS A 107 10.96 -24.11 24.09
N TRP A 108 10.07 -23.91 23.13
CA TRP A 108 10.42 -23.65 21.74
C TRP A 108 11.56 -22.63 21.58
N VAL A 109 11.53 -21.55 22.36
CA VAL A 109 12.52 -20.49 22.23
C VAL A 109 13.91 -20.95 22.61
N ASP A 110 14.02 -21.97 23.47
CA ASP A 110 15.33 -22.52 23.88
C ASP A 110 15.95 -23.53 22.90
N ASP A 111 15.18 -24.05 21.94
CA ASP A 111 15.73 -24.91 20.89
C ASP A 111 16.47 -24.11 19.81
N ASP A 112 17.52 -24.69 19.22
CA ASP A 112 18.23 -24.10 18.07
C ASP A 112 17.32 -23.95 16.84
N CYS A 113 17.54 -22.91 16.03
CA CYS A 113 16.86 -22.81 14.72
C CYS A 113 17.26 -24.07 13.98
N GLU A 114 16.30 -24.77 13.41
CA GLU A 114 16.57 -25.85 12.49
C GLU A 114 15.74 -25.59 11.27
N GLU A 115 16.35 -25.61 10.09
CA GLU A 115 15.63 -25.32 8.86
C GLU A 115 14.54 -26.34 8.65
N ILE A 116 13.37 -25.86 8.24
CA ILE A 116 12.24 -26.71 7.98
C ILE A 116 12.15 -26.91 6.48
N LYS A 117 12.83 -27.93 6.00
CA LYS A 117 12.91 -28.25 4.56
C LYS A 117 11.56 -28.69 3.98
N VAL A 118 10.81 -29.49 4.75
CA VAL A 118 9.45 -29.90 4.39
C VAL A 118 8.53 -29.81 5.58
N PRO A 119 7.23 -29.62 5.35
CA PRO A 119 6.31 -29.62 6.47
C PRO A 119 6.28 -30.98 7.20
N GLU A 120 6.54 -30.96 8.51
CA GLU A 120 6.49 -32.16 9.32
C GLU A 120 5.18 -32.11 10.06
N CYS A 121 4.14 -32.69 9.48
CA CYS A 121 2.79 -32.67 10.05
C CYS A 121 2.35 -34.09 10.45
N PRO A 122 1.41 -34.19 11.39
CA PRO A 122 0.77 -35.49 11.60
C PRO A 122 0.03 -35.96 10.37
N ALA A 123 -0.02 -37.27 10.21
CA ALA A 123 -0.89 -37.94 9.25
C ALA A 123 -2.26 -37.36 9.34
N GLY A 124 -2.87 -37.08 8.20
CA GLY A 124 -4.21 -36.52 8.17
C GLY A 124 -4.26 -35.07 7.79
N PHE A 125 -3.21 -34.31 8.11
CA PHE A 125 -3.09 -32.91 7.65
C PHE A 125 -2.92 -32.89 6.14
N VAL A 126 -3.77 -32.16 5.41
CA VAL A 126 -3.63 -32.04 3.93
C VAL A 126 -2.86 -30.82 3.49
N ARG A 127 -2.70 -29.85 4.39
CA ARG A 127 -1.85 -28.68 4.10
C ARG A 127 -1.29 -28.13 5.38
N PRO A 128 -0.19 -27.39 5.30
CA PRO A 128 0.30 -26.72 6.48
C PRO A 128 -0.70 -25.66 6.94
N PRO A 129 -1.14 -25.73 8.22
CA PRO A 129 -1.97 -24.63 8.66
C PRO A 129 -1.27 -23.26 8.58
N LEU A 130 -2.06 -22.21 8.42
CA LEU A 130 -1.59 -20.83 8.54
C LEU A 130 -2.17 -20.17 9.79
N ILE A 131 -1.26 -19.65 10.63
CA ILE A 131 -1.64 -18.83 11.77
C ILE A 131 -1.18 -17.38 11.55
N ILE A 132 -2.15 -16.46 11.52
CA ILE A 132 -1.83 -15.04 11.47
C ILE A 132 -1.87 -14.42 12.86
N PHE A 133 -0.73 -13.89 13.29
CA PHE A 133 -0.59 -13.31 14.62
C PHE A 133 -0.39 -11.81 14.38
N SER A 134 -1.48 -11.05 14.48
CA SER A 134 -1.42 -9.62 14.24
C SER A 134 -1.36 -8.86 15.55
N VAL A 135 -0.52 -7.85 15.55
CA VAL A 135 -0.32 -7.02 16.71
C VAL A 135 -0.73 -5.60 16.33
N ASP A 136 -1.44 -4.96 17.21
CA ASP A 136 -1.91 -3.63 16.93
C ASP A 136 -0.85 -2.62 17.33
N GLY A 137 -0.50 -1.72 16.41
CA GLY A 137 0.40 -0.61 16.67
C GLY A 137 1.88 -0.96 16.83
N PHE A 138 2.26 -2.11 16.28
CA PHE A 138 3.64 -2.60 16.38
C PHE A 138 4.53 -1.91 15.33
N ARG A 139 5.31 -0.97 15.85
CA ARG A 139 6.26 -0.17 15.11
C ARG A 139 7.48 -1.00 14.73
N ALA A 140 7.90 -0.93 13.46
CA ALA A 140 9.05 -1.67 12.93
C ALA A 140 10.34 -1.55 13.77
N SER A 141 10.64 -0.34 14.27
CA SER A 141 11.81 -0.14 15.13
C SER A 141 11.77 -0.85 16.51
N TYR A 142 10.63 -1.39 16.93
CA TYR A 142 10.58 -2.20 18.18
C TYR A 142 11.38 -3.51 18.06
N MET A 143 11.51 -4.03 16.84
CA MET A 143 12.35 -5.20 16.60
C MET A 143 13.82 -4.96 16.98
N LYS A 144 14.26 -3.70 17.02
CA LYS A 144 15.60 -3.39 17.50
C LYS A 144 15.82 -3.73 18.96
N LYS A 145 14.79 -3.61 19.80
CA LYS A 145 14.93 -3.97 21.23
C LYS A 145 15.31 -5.46 21.49
N GLY A 146 15.06 -6.33 20.51
CA GLY A 146 15.74 -7.62 20.43
C GLY A 146 15.37 -8.64 21.48
N SER A 147 16.11 -9.75 21.47
CA SER A 147 15.83 -10.94 22.32
C SER A 147 15.92 -10.66 23.83
N LYS A 148 16.49 -9.53 24.20
CA LYS A 148 16.39 -9.03 25.55
C LYS A 148 14.94 -8.91 26.00
N VAL A 149 14.11 -8.33 25.15
CA VAL A 149 12.72 -8.06 25.51
C VAL A 149 11.77 -9.13 24.94
N MET A 150 12.07 -9.63 23.74
CA MET A 150 11.17 -10.49 22.97
C MET A 150 11.93 -11.67 22.37
N PRO A 151 12.32 -12.64 23.19
CA PRO A 151 13.13 -13.72 22.61
C PRO A 151 12.39 -14.60 21.60
N ASN A 152 11.09 -14.84 21.80
CA ASN A 152 10.28 -15.63 20.86
C ASN A 152 10.11 -14.95 19.51
N ILE A 153 9.73 -13.68 19.52
CA ILE A 153 9.60 -12.90 18.29
C ILE A 153 10.96 -12.79 17.59
N GLU A 154 12.01 -12.56 18.35
CA GLU A 154 13.35 -12.42 17.79
C GLU A 154 13.77 -13.73 17.11
N LYS A 155 13.43 -14.87 17.71
CA LYS A 155 13.70 -16.17 17.11
C LYS A 155 12.91 -16.40 15.82
N LEU A 156 11.62 -16.11 15.83
CA LEU A 156 10.83 -16.18 14.61
C LEU A 156 11.45 -15.35 13.47
N ARG A 157 11.81 -14.11 13.82
CA ARG A 157 12.42 -13.15 12.89
C ARG A 157 13.72 -13.69 12.32
N SER A 158 14.60 -14.14 13.21
CA SER A 158 15.89 -14.71 12.89
C SER A 158 15.90 -15.96 12.03
N CYS A 159 15.13 -16.98 12.40
CA CYS A 159 15.20 -18.26 11.64
C CYS A 159 14.23 -18.29 10.50
N GLY A 160 13.31 -17.33 10.42
CA GLY A 160 12.33 -17.32 9.36
C GLY A 160 12.71 -16.32 8.28
N THR A 161 11.69 -15.82 7.61
CA THR A 161 11.82 -14.78 6.61
C THR A 161 11.30 -13.48 7.21
N HIS A 162 12.04 -12.39 7.07
CA HIS A 162 11.61 -11.11 7.62
C HIS A 162 11.98 -9.94 6.71
N ALA A 163 11.22 -8.86 6.82
CA ALA A 163 11.56 -7.61 6.17
C ALA A 163 12.03 -6.59 7.22
N PRO A 164 12.85 -5.60 6.82
CA PRO A 164 13.16 -4.49 7.74
C PRO A 164 11.90 -3.78 8.24
N TYR A 165 10.86 -3.75 7.43
CA TYR A 165 9.58 -3.20 7.82
C TYR A 165 8.64 -3.46 6.72
N MET A 166 7.38 -3.25 7.03
CA MET A 166 6.30 -3.40 6.08
C MET A 166 5.48 -2.12 6.07
N ARG A 167 5.10 -1.69 4.87
CA ARG A 167 4.41 -0.43 4.68
C ARG A 167 2.92 -0.71 4.83
N PRO A 168 2.25 -0.01 5.77
CA PRO A 168 0.80 -0.05 5.85
C PRO A 168 0.14 0.80 4.75
N VAL A 169 -1.16 0.70 4.64
CA VAL A 169 -1.93 1.62 3.80
C VAL A 169 -2.36 2.86 4.61
N TYR A 170 -2.68 3.92 3.87
CA TYR A 170 -3.25 5.14 4.40
C TYR A 170 -4.78 5.05 4.44
N PRO A 171 -5.46 5.56 5.46
CA PRO A 171 -4.88 6.07 6.68
C PRO A 171 -4.29 4.99 7.53
N THR A 172 -3.20 5.29 8.25
CA THR A 172 -2.52 4.28 9.04
C THR A 172 -3.27 4.05 10.40
N LYS A 173 -4.53 3.62 10.29
CA LYS A 173 -5.38 3.28 11.43
C LYS A 173 -5.59 1.79 11.37
N THR A 174 -6.09 1.24 12.47
CA THR A 174 -6.35 -0.18 12.60
C THR A 174 -7.25 -0.82 11.55
N PHE A 175 -8.50 -0.38 11.48
CA PHE A 175 -9.47 -1.10 10.67
C PHE A 175 -9.19 -1.01 9.18
N PRO A 176 -8.65 0.11 8.69
CA PRO A 176 -8.32 0.05 7.26
C PRO A 176 -7.18 -0.96 6.98
N ASN A 177 -6.24 -1.05 7.90
CA ASN A 177 -5.10 -1.92 7.75
C ASN A 177 -5.40 -3.35 8.03
N LEU A 178 -6.20 -3.62 9.03
CA LEU A 178 -6.55 -4.99 9.29
C LEU A 178 -7.33 -5.54 8.12
N TYR A 179 -8.28 -4.80 7.60
CA TYR A 179 -9.09 -5.31 6.48
C TYR A 179 -8.35 -5.34 5.11
N THR A 180 -7.35 -4.48 4.93
CA THR A 180 -6.42 -4.59 3.79
C THR A 180 -5.59 -5.86 3.88
N LEU A 181 -5.02 -6.13 5.06
CA LEU A 181 -4.30 -7.40 5.27
C LEU A 181 -5.09 -8.59 4.79
N ALA A 182 -6.38 -8.60 5.11
CA ALA A 182 -7.23 -9.73 4.83
C ALA A 182 -7.75 -9.80 3.40
N THR A 183 -7.73 -8.68 2.67
CA THR A 183 -8.32 -8.61 1.29
C THR A 183 -7.35 -8.33 0.12
N GLY A 184 -6.15 -7.86 0.42
CA GLY A 184 -5.25 -7.33 -0.55
C GLY A 184 -5.72 -6.06 -1.27
N LEU A 185 -6.72 -5.39 -0.70
CA LEU A 185 -7.35 -4.24 -1.32
C LEU A 185 -6.96 -2.94 -0.63
N TYR A 186 -6.94 -1.83 -1.40
CA TYR A 186 -6.83 -0.49 -0.82
C TYR A 186 -8.14 -0.18 -0.06
N PRO A 187 -8.05 0.62 1.01
CA PRO A 187 -9.29 1.06 1.68
C PRO A 187 -10.38 1.62 0.76
N GLU A 188 -10.00 2.30 -0.32
CA GLU A 188 -10.97 2.90 -1.22
C GLU A 188 -11.75 1.83 -1.92
N SER A 189 -11.15 0.64 -2.06
CA SER A 189 -11.78 -0.51 -2.70
C SER A 189 -12.55 -1.38 -1.70
N HIS A 190 -11.96 -1.66 -0.53
CA HIS A 190 -12.65 -2.51 0.44
C HIS A 190 -13.75 -1.75 1.25
N GLY A 191 -13.68 -0.42 1.27
CA GLY A 191 -14.75 0.39 1.84
C GLY A 191 -14.52 0.83 3.28
N ILE A 192 -13.51 0.28 3.95
CA ILE A 192 -13.17 0.62 5.32
C ILE A 192 -12.05 1.63 5.23
N VAL A 193 -12.46 2.84 4.96
CA VAL A 193 -11.58 3.95 4.66
C VAL A 193 -11.10 4.69 5.91
N GLY A 194 -11.78 4.47 7.03
CA GLY A 194 -11.30 4.97 8.33
C GLY A 194 -11.83 4.14 9.50
N ASN A 195 -11.32 4.38 10.70
CA ASN A 195 -11.98 3.84 11.93
C ASN A 195 -13.34 4.43 12.14
N SER A 196 -13.53 5.63 11.61
CA SER A 196 -14.83 6.27 11.55
C SER A 196 -15.08 6.72 10.15
N MET A 197 -16.34 6.60 9.71
CA MET A 197 -16.77 6.92 8.36
C MET A 197 -18.20 7.39 8.34
N TYR A 198 -18.51 8.24 7.38
CA TYR A 198 -19.90 8.56 7.03
C TYR A 198 -20.16 8.15 5.57
N ASP A 199 -21.24 7.41 5.35
CA ASP A 199 -21.62 7.00 4.00
C ASP A 199 -22.87 7.78 3.58
N PRO A 200 -22.73 8.69 2.60
CA PRO A 200 -23.87 9.55 2.23
C PRO A 200 -25.09 8.80 1.65
N VAL A 201 -24.85 7.66 1.00
CA VAL A 201 -25.92 6.88 0.40
C VAL A 201 -26.70 6.12 1.47
N PHE A 202 -26.02 5.41 2.37
CA PHE A 202 -26.73 4.77 3.51
C PHE A 202 -27.33 5.83 4.41
N ASP A 203 -26.65 6.98 4.51
CA ASP A 203 -26.93 7.99 5.52
C ASP A 203 -26.76 7.40 6.93
N ALA A 204 -25.58 6.85 7.14
CA ALA A 204 -25.23 6.22 8.39
C ALA A 204 -23.78 6.42 8.63
N SER A 205 -23.39 6.31 9.89
CA SER A 205 -22.00 6.37 10.29
C SER A 205 -21.50 5.05 10.89
N PHE A 206 -20.22 4.78 10.67
CA PHE A 206 -19.52 3.60 11.15
C PHE A 206 -18.56 4.07 12.24
N HIS A 207 -18.62 3.43 13.41
CA HIS A 207 -17.68 3.65 14.51
C HIS A 207 -17.36 2.36 15.23
N LEU A 208 -16.24 2.33 15.91
CA LEU A 208 -15.92 1.26 16.85
C LEU A 208 -17.05 1.09 17.91
N ARG A 209 -17.62 2.22 18.35
CA ARG A 209 -18.76 2.21 19.26
C ARG A 209 -20.09 2.39 18.49
N GLY A 210 -20.86 1.32 18.38
CA GLY A 210 -22.11 1.35 17.61
C GLY A 210 -22.52 0.01 17.02
N ARG A 211 -23.81 -0.08 16.71
CA ARG A 211 -24.40 -1.23 16.02
C ARG A 211 -24.03 -1.24 14.55
N GLU A 212 -23.70 -0.09 13.99
CA GLU A 212 -23.59 0.05 12.52
C GLU A 212 -22.48 -0.82 11.89
N LYS A 213 -21.35 -0.95 12.58
CA LYS A 213 -20.22 -1.76 12.14
C LYS A 213 -20.54 -3.26 11.91
N PHE A 214 -21.60 -3.74 12.55
CA PHE A 214 -22.12 -5.08 12.31
C PHE A 214 -22.88 -5.29 10.97
N ASN A 215 -23.31 -4.24 10.28
CA ASN A 215 -23.96 -4.46 9.00
C ASN A 215 -22.87 -4.85 7.98
N HIS A 216 -23.05 -5.98 7.29
CA HIS A 216 -22.13 -6.39 6.21
C HIS A 216 -21.94 -5.33 5.10
N ARG A 217 -22.92 -4.45 4.88
CA ARG A 217 -22.83 -3.47 3.81
C ARG A 217 -21.58 -2.58 3.86
N TRP A 218 -20.96 -2.39 5.02
CA TRP A 218 -19.71 -1.64 5.10
C TRP A 218 -18.48 -2.34 4.55
N TRP A 219 -18.53 -3.67 4.49
CA TRP A 219 -17.34 -4.51 4.35
C TRP A 219 -17.32 -5.10 2.95
N GLY A 220 -16.53 -4.53 2.05
CA GLY A 220 -16.47 -4.99 0.65
C GLY A 220 -15.34 -5.96 0.42
N GLY A 221 -15.03 -6.24 -0.83
CA GLY A 221 -13.95 -7.15 -1.16
C GLY A 221 -14.22 -8.58 -0.77
N GLN A 222 -13.17 -9.38 -0.70
CA GLN A 222 -13.30 -10.77 -0.28
C GLN A 222 -12.18 -11.10 0.67
N PRO A 223 -12.49 -11.07 1.98
CA PRO A 223 -11.43 -11.40 2.91
C PRO A 223 -11.00 -12.89 2.81
N LEU A 224 -9.77 -13.17 3.24
CA LEU A 224 -9.18 -14.52 3.16
C LEU A 224 -10.08 -15.66 3.66
N TRP A 225 -10.81 -15.43 4.76
CA TRP A 225 -11.72 -16.48 5.27
C TRP A 225 -12.80 -16.87 4.27
N ILE A 226 -13.31 -15.90 3.52
CA ILE A 226 -14.28 -16.19 2.48
C ILE A 226 -13.61 -16.89 1.28
N THR A 227 -12.41 -16.43 0.90
CA THR A 227 -11.69 -17.02 -0.21
C THR A 227 -11.43 -18.47 0.09
N ALA A 228 -10.90 -18.75 1.29
CA ALA A 228 -10.73 -20.14 1.77
C ALA A 228 -12.01 -20.95 1.68
N THR A 229 -13.09 -20.44 2.27
CA THR A 229 -14.32 -21.22 2.39
C THR A 229 -14.94 -21.52 1.05
N LYS A 230 -14.99 -20.54 0.15
CA LYS A 230 -15.56 -20.80 -1.18
C LYS A 230 -14.74 -21.80 -2.00
N GLN A 231 -13.48 -22.02 -1.64
CA GLN A 231 -12.62 -23.00 -2.29
C GLN A 231 -12.42 -24.25 -1.43
N GLY A 232 -13.35 -24.52 -0.50
CA GLY A 232 -13.29 -25.74 0.30
C GLY A 232 -12.18 -25.81 1.34
N VAL A 233 -11.64 -24.68 1.78
CA VAL A 233 -10.61 -24.68 2.83
C VAL A 233 -11.25 -24.08 4.08
N ARG A 234 -11.22 -24.83 5.18
CA ARG A 234 -11.95 -24.43 6.39
C ARG A 234 -11.28 -23.27 7.13
N ALA A 235 -12.09 -22.25 7.42
CA ALA A 235 -11.59 -20.97 7.87
C ALA A 235 -12.72 -20.21 8.50
N GLY A 236 -12.61 -19.91 9.78
CA GLY A 236 -13.57 -19.01 10.43
C GLY A 236 -13.23 -17.56 10.11
N THR A 237 -14.18 -16.66 10.39
CA THR A 237 -13.88 -15.22 10.42
C THR A 237 -12.76 -14.98 11.46
N PHE A 238 -11.93 -13.97 11.21
CA PHE A 238 -10.73 -13.74 12.03
C PHE A 238 -10.95 -13.02 13.39
N PHE A 239 -12.13 -12.44 13.57
CA PHE A 239 -12.45 -11.61 14.74
C PHE A 239 -12.75 -12.46 15.97
N TRP A 240 -12.24 -12.00 17.12
CA TRP A 240 -12.55 -12.53 18.44
C TRP A 240 -13.22 -11.45 19.27
N SER A 241 -14.20 -11.88 20.07
CA SER A 241 -14.81 -11.02 21.09
C SER A 241 -13.71 -10.53 22.01
N VAL A 242 -13.65 -9.22 22.21
CA VAL A 242 -12.52 -8.63 22.92
C VAL A 242 -12.46 -9.08 24.38
N SER A 243 -13.60 -9.43 24.97
CA SER A 243 -13.59 -9.92 26.36
C SER A 243 -12.93 -11.29 26.57
N ILE A 244 -12.63 -12.06 25.51
CA ILE A 244 -11.89 -13.33 25.67
C ILE A 244 -10.39 -13.04 25.87
N PRO A 245 -9.82 -13.43 27.03
CA PRO A 245 -8.39 -13.07 27.27
C PRO A 245 -7.42 -13.71 26.26
N HIS A 246 -6.25 -13.12 26.10
CA HIS A 246 -5.27 -13.62 25.15
C HIS A 246 -4.94 -15.10 25.34
N GLU A 247 -4.78 -15.50 26.61
CA GLU A 247 -4.37 -16.87 26.93
C GLU A 247 -5.40 -17.91 26.50
N ARG A 248 -6.67 -17.56 26.62
CA ARG A 248 -7.80 -18.41 26.21
C ARG A 248 -7.89 -18.54 24.68
N ARG A 249 -7.58 -17.47 23.96
CA ARG A 249 -7.63 -17.53 22.52
C ARG A 249 -6.58 -18.50 21.99
N ILE A 250 -5.36 -18.39 22.55
CA ILE A 250 -4.26 -19.27 22.18
C ILE A 250 -4.64 -20.71 22.48
N LEU A 251 -5.19 -20.96 23.66
CA LEU A 251 -5.64 -22.32 23.98
C LEU A 251 -6.75 -22.82 23.07
N THR A 252 -7.69 -21.96 22.71
CA THR A 252 -8.71 -22.35 21.75
C THR A 252 -8.15 -22.71 20.34
N ILE A 253 -7.21 -21.91 19.84
CA ILE A 253 -6.53 -22.21 18.56
C ILE A 253 -5.88 -23.60 18.64
N LEU A 254 -5.12 -23.84 19.72
CA LEU A 254 -4.50 -25.16 20.01
C LEU A 254 -5.47 -26.32 20.03
N GLN A 255 -6.63 -26.10 20.64
CA GLN A 255 -7.66 -27.14 20.71
C GLN A 255 -8.34 -27.38 19.39
N TRP A 256 -8.55 -26.33 18.62
CA TRP A 256 -9.05 -26.47 17.25
C TRP A 256 -8.10 -27.25 16.36
N LEU A 257 -6.79 -27.07 16.59
CA LEU A 257 -5.74 -27.74 15.80
C LEU A 257 -5.65 -29.22 16.13
N SER A 258 -6.17 -29.63 17.30
CA SER A 258 -6.34 -31.03 17.68
C SER A 258 -7.62 -31.68 17.15
N LEU A 259 -8.47 -30.95 16.44
CA LEU A 259 -9.72 -31.54 15.95
C LEU A 259 -9.44 -32.59 14.87
N PRO A 260 -10.42 -33.48 14.59
CA PRO A 260 -10.24 -34.42 13.48
C PRO A 260 -10.21 -33.69 12.15
N ASP A 261 -9.60 -34.35 11.17
CA ASP A 261 -9.29 -33.77 9.85
C ASP A 261 -10.51 -33.15 9.19
N ASN A 262 -11.68 -33.78 9.33
CA ASN A 262 -12.90 -33.26 8.71
C ASN A 262 -13.53 -32.03 9.38
N GLU A 263 -13.10 -31.67 10.60
CA GLU A 263 -13.60 -30.46 11.31
C GLU A 263 -12.56 -29.35 11.52
N ARG A 264 -11.28 -29.68 11.36
CA ARG A 264 -10.18 -28.79 11.74
C ARG A 264 -9.98 -27.66 10.71
N PRO A 265 -9.89 -26.40 11.16
CA PRO A 265 -9.57 -25.32 10.20
C PRO A 265 -8.12 -25.35 9.75
N SER A 266 -7.85 -24.78 8.58
CA SER A 266 -6.50 -24.65 8.09
C SER A 266 -5.94 -23.22 8.24
N VAL A 267 -6.79 -22.25 8.64
CA VAL A 267 -6.28 -20.89 8.87
C VAL A 267 -6.85 -20.32 10.14
N TYR A 268 -5.98 -19.66 10.90
CA TYR A 268 -6.28 -19.11 12.24
C TYR A 268 -5.70 -17.73 12.36
N ALA A 269 -6.36 -16.87 13.14
CA ALA A 269 -5.91 -15.53 13.40
C ALA A 269 -5.96 -15.24 14.89
N PHE A 270 -4.91 -14.58 15.35
CA PHE A 270 -4.83 -14.02 16.66
C PHE A 270 -4.62 -12.50 16.47
N TYR A 271 -5.40 -11.69 17.17
CA TYR A 271 -5.18 -10.26 17.28
C TYR A 271 -4.87 -9.84 18.72
N SER A 272 -3.82 -9.03 18.87
CA SER A 272 -3.48 -8.42 20.14
C SER A 272 -3.59 -6.92 19.98
N GLU A 273 -4.39 -6.32 20.86
CA GLU A 273 -4.49 -4.86 20.95
C GLU A 273 -3.24 -4.17 21.47
N GLN A 274 -2.25 -4.91 21.97
CA GLN A 274 -0.96 -4.30 22.34
C GLN A 274 0.03 -4.43 21.19
N PRO A 275 1.07 -3.60 21.10
CA PRO A 275 1.43 -2.52 22.00
C PRO A 275 0.84 -1.14 21.69
N ASP A 276 -0.22 -1.09 20.89
CA ASP A 276 -0.87 0.16 20.55
C ASP A 276 -1.45 0.86 21.78
N PHE A 277 -2.12 0.10 22.65
CA PHE A 277 -2.73 0.67 23.84
C PHE A 277 -1.68 1.42 24.68
N SER A 278 -0.52 0.82 24.92
CA SER A 278 0.56 1.50 25.66
C SER A 278 1.26 2.59 24.88
N GLY A 279 1.44 2.38 23.56
CA GLY A 279 2.01 3.39 22.66
C GLY A 279 1.31 4.73 22.71
N HIS A 280 -0.02 4.71 22.66
CA HIS A 280 -0.84 5.92 22.79
C HIS A 280 -0.66 6.66 24.11
N LYS A 281 -0.66 5.93 25.22
CA LYS A 281 -0.47 6.53 26.56
C LYS A 281 0.92 7.11 26.78
N TYR A 282 1.93 6.29 26.52
CA TYR A 282 3.31 6.60 26.89
C TYR A 282 4.18 7.06 25.74
N GLY A 283 3.65 7.08 24.52
CA GLY A 283 4.47 7.38 23.34
C GLY A 283 5.29 6.16 22.93
N PRO A 284 5.79 6.13 21.67
CA PRO A 284 6.50 4.94 21.17
C PRO A 284 7.88 4.68 21.78
N PHE A 285 8.53 5.71 22.32
CA PHE A 285 9.85 5.55 22.92
C PHE A 285 9.82 5.57 24.46
N GLY A 286 8.68 5.28 25.08
CA GLY A 286 8.58 5.30 26.54
C GLY A 286 9.22 4.06 27.16
N PRO A 287 9.82 4.20 28.36
CA PRO A 287 10.30 2.98 29.03
C PRO A 287 9.15 2.02 29.36
N GLU A 288 7.93 2.54 29.47
CA GLU A 288 6.75 1.72 29.77
C GLU A 288 6.38 0.74 28.66
N MET A 289 6.98 0.86 27.48
CA MET A 289 6.72 -0.03 26.33
C MET A 289 7.33 -1.42 26.44
N THR A 290 8.35 -1.59 27.28
CA THR A 290 9.03 -2.85 27.49
C THR A 290 8.11 -3.96 28.00
N ASN A 291 7.27 -3.66 28.99
CA ASN A 291 6.39 -4.69 29.55
C ASN A 291 5.30 -5.16 28.60
N PRO A 292 4.62 -4.22 27.90
CA PRO A 292 3.71 -4.61 26.83
C PRO A 292 4.35 -5.52 25.79
N LEU A 293 5.59 -5.24 25.39
CA LEU A 293 6.31 -6.08 24.43
C LEU A 293 6.73 -7.44 25.01
N ARG A 294 7.17 -7.45 26.27
CA ARG A 294 7.33 -8.71 26.98
C ARG A 294 6.05 -9.52 27.01
N GLU A 295 4.92 -8.85 27.23
CA GLU A 295 3.62 -9.55 27.28
C GLU A 295 3.27 -10.16 25.90
N ILE A 296 3.43 -9.40 24.82
CA ILE A 296 3.25 -9.98 23.47
C ILE A 296 4.13 -11.21 23.29
N ASP A 297 5.41 -11.07 23.63
CA ASP A 297 6.36 -12.14 23.43
C ASP A 297 6.01 -13.39 24.21
N LYS A 298 5.48 -13.21 25.42
CA LYS A 298 5.03 -14.32 26.26
C LYS A 298 3.86 -15.03 25.59
N THR A 299 2.90 -14.30 25.06
CA THR A 299 1.83 -14.89 24.27
C THR A 299 2.36 -15.68 23.02
N VAL A 300 3.36 -15.12 22.33
CA VAL A 300 3.96 -15.80 21.19
C VAL A 300 4.57 -17.11 21.66
N GLY A 301 5.34 -17.05 22.73
CA GLY A 301 5.90 -18.22 23.44
C GLY A 301 4.90 -19.29 23.84
N GLN A 302 3.71 -18.86 24.26
CA GLN A 302 2.64 -19.80 24.57
C GLN A 302 2.17 -20.53 23.32
N LEU A 303 1.99 -19.79 22.23
CA LEU A 303 1.57 -20.40 20.97
C LEU A 303 2.59 -21.44 20.48
N MET A 304 3.86 -21.06 20.46
CA MET A 304 4.89 -21.94 19.94
C MET A 304 5.08 -23.16 20.84
N ASP A 305 5.20 -22.95 22.15
CA ASP A 305 5.24 -24.08 23.09
C ASP A 305 4.05 -25.00 22.89
N GLY A 306 2.87 -24.45 22.75
CA GLY A 306 1.68 -25.25 22.46
C GLY A 306 1.76 -26.00 21.13
N LEU A 307 2.27 -25.34 20.09
CA LEU A 307 2.42 -25.99 18.80
C LEU A 307 3.40 -27.16 18.92
N LYS A 308 4.54 -26.92 19.58
CA LYS A 308 5.52 -27.96 19.88
C LYS A 308 4.96 -29.15 20.66
N GLN A 309 4.08 -28.84 21.60
CA GLN A 309 3.34 -29.86 22.36
C GLN A 309 2.51 -30.72 21.43
N LEU A 310 1.90 -30.11 20.41
CA LEU A 310 1.11 -30.87 19.46
C LEU A 310 1.91 -31.39 18.25
N ARG A 311 3.24 -31.26 18.26
CA ARG A 311 4.09 -31.64 17.12
C ARG A 311 3.67 -30.92 15.80
N LEU A 312 3.28 -29.67 15.92
CA LEU A 312 2.89 -28.86 14.79
C LEU A 312 3.82 -27.67 14.55
N HIS A 313 4.90 -27.63 15.31
CA HIS A 313 5.84 -26.49 15.30
C HIS A 313 6.81 -26.46 14.09
N ARG A 314 6.88 -27.57 13.36
CA ARG A 314 7.55 -27.64 12.06
C ARG A 314 6.52 -28.03 10.98
N CYS A 315 5.24 -27.77 11.27
CA CYS A 315 4.12 -28.04 10.38
C CYS A 315 3.42 -26.76 9.96
N VAL A 316 3.27 -25.81 10.89
CA VAL A 316 2.48 -24.59 10.69
C VAL A 316 3.32 -23.42 10.15
N ASN A 317 2.71 -22.64 9.25
CA ASN A 317 3.25 -21.35 8.83
C ASN A 317 2.69 -20.25 9.70
N VAL A 318 3.58 -19.42 10.25
CA VAL A 318 3.16 -18.38 11.15
C VAL A 318 3.55 -17.04 10.53
N ILE A 319 2.56 -16.15 10.38
CA ILE A 319 2.81 -14.76 10.01
C ILE A 319 2.67 -13.88 11.26
N PHE A 320 3.72 -13.12 11.56
CA PHE A 320 3.74 -12.12 12.60
C PHE A 320 3.74 -10.78 11.88
N VAL A 321 2.65 -10.06 12.02
CA VAL A 321 2.45 -8.85 11.25
C VAL A 321 1.71 -7.77 12.06
N GLY A 322 2.12 -6.52 11.85
CA GLY A 322 1.47 -5.40 12.50
C GLY A 322 0.60 -4.65 11.52
N ASP A 323 -0.28 -3.82 12.05
CA ASP A 323 -1.16 -3.04 11.18
C ASP A 323 -0.65 -1.63 10.86
N HIS A 324 0.14 -1.05 11.77
CA HIS A 324 0.74 0.25 11.60
C HIS A 324 1.67 0.49 12.77
N GLY A 325 2.50 1.52 12.68
CA GLY A 325 3.39 1.91 13.75
C GLY A 325 2.75 2.92 14.74
N MET A 326 3.60 3.81 15.27
CA MET A 326 3.20 4.77 16.30
C MET A 326 4.21 5.90 16.33
N GLU A 327 3.70 7.13 16.47
CA GLU A 327 4.49 8.35 16.51
C GLU A 327 4.31 9.08 17.86
N ASP A 328 5.27 9.93 18.23
CA ASP A 328 5.11 10.90 19.34
C ASP A 328 4.10 12.01 19.02
N VAL A 329 2.93 12.02 19.65
CA VAL A 329 1.95 13.09 19.42
C VAL A 329 1.32 13.52 20.74
N THR A 330 1.53 14.80 21.11
CA THR A 330 0.98 15.38 22.34
C THR A 330 -0.13 16.39 22.03
N CYS A 331 -0.96 16.69 23.03
CA CYS A 331 -2.08 17.62 22.86
C CYS A 331 -1.62 19.02 22.48
N ASP A 332 -0.46 19.46 22.96
CA ASP A 332 0.04 20.82 22.62
C ASP A 332 0.38 21.04 21.15
N ARG A 333 0.61 19.96 20.36
CA ARG A 333 0.87 20.07 18.94
C ARG A 333 -0.42 19.78 18.22
N THR A 334 -1.37 20.70 18.39
CA THR A 334 -2.65 20.61 17.73
C THR A 334 -3.00 21.89 16.99
N GLU A 335 -3.29 21.78 15.70
CA GLU A 335 -3.80 22.90 14.93
C GLU A 335 -5.33 22.96 15.07
N PHE A 336 -5.84 24.18 15.27
CA PHE A 336 -7.28 24.39 15.33
C PHE A 336 -7.73 25.06 14.04
N LEU A 337 -8.74 24.46 13.41
CA LEU A 337 -9.39 25.04 12.24
C LEU A 337 -10.11 26.33 12.51
N SER A 338 -10.48 26.59 13.76
CA SER A 338 -11.09 27.87 14.15
C SER A 338 -10.16 29.08 13.95
N ASN A 339 -8.85 28.85 13.94
CA ASN A 339 -7.87 29.90 13.66
C ASN A 339 -7.80 30.23 12.18
N TYR A 340 -8.42 29.43 11.33
CA TYR A 340 -8.39 29.64 9.87
C TYR A 340 -9.75 29.93 9.27
N LEU A 341 -10.80 29.30 9.80
CA LEU A 341 -12.14 29.41 9.25
C LEU A 341 -12.91 30.35 10.11
N THR A 342 -13.62 31.27 9.47
CA THR A 342 -14.42 32.23 10.18
C THR A 342 -15.64 31.52 10.78
N ASN A 343 -16.07 30.44 10.13
CA ASN A 343 -17.33 29.76 10.47
C ASN A 343 -17.20 28.23 10.70
N VAL A 344 -16.42 27.80 11.71
CA VAL A 344 -16.19 26.34 11.95
C VAL A 344 -17.41 25.50 12.31
N ASP A 345 -18.48 26.14 12.79
CA ASP A 345 -19.68 25.40 13.14
C ASP A 345 -20.55 25.01 11.95
N ASP A 346 -20.22 25.47 10.74
CA ASP A 346 -20.86 25.00 9.51
C ASP A 346 -20.22 23.73 8.93
N ILE A 347 -19.18 23.19 9.59
CA ILE A 347 -18.46 22.02 9.08
C ILE A 347 -18.42 20.91 10.11
N THR A 348 -18.26 19.69 9.61
CA THR A 348 -17.96 18.53 10.42
C THR A 348 -16.56 18.10 10.03
N LEU A 349 -15.74 17.78 11.05
CA LEU A 349 -14.36 17.34 10.85
C LEU A 349 -14.11 15.98 11.52
N VAL A 350 -13.57 15.05 10.75
CA VAL A 350 -12.96 13.85 11.33
C VAL A 350 -11.54 14.27 11.70
N PRO A 351 -11.24 14.39 13.01
CA PRO A 351 -9.99 15.04 13.45
C PRO A 351 -8.83 14.10 13.70
N GLY A 352 -7.70 14.64 14.13
CA GLY A 352 -6.59 13.84 14.62
C GLY A 352 -5.39 13.91 13.71
N THR A 353 -4.86 12.74 13.37
CA THR A 353 -3.66 12.61 12.54
C THR A 353 -3.93 12.69 11.04
N LEU A 354 -5.19 12.84 10.70
CA LEU A 354 -5.63 13.27 9.39
C LEU A 354 -6.85 14.14 9.63
N GLY A 355 -7.26 14.86 8.59
CA GLY A 355 -8.52 15.59 8.61
C GLY A 355 -9.39 15.18 7.45
N ARG A 356 -10.68 15.06 7.70
CA ARG A 356 -11.67 14.98 6.62
C ARG A 356 -12.79 15.97 6.98
N ILE A 357 -13.11 16.86 6.03
CA ILE A 357 -14.08 17.94 6.24
C ILE A 357 -15.25 17.73 5.31
N ARG A 358 -16.46 17.85 5.84
CA ARG A 358 -17.69 17.96 5.06
C ARG A 358 -18.61 18.96 5.78
N ALA A 359 -19.71 19.31 5.12
CA ALA A 359 -20.72 20.18 5.66
C ALA A 359 -21.34 19.55 6.90
N LYS A 360 -21.54 20.36 7.93
CA LYS A 360 -22.23 19.91 9.12
C LYS A 360 -23.63 19.45 8.74
N SER A 361 -24.32 20.25 7.94
CA SER A 361 -25.63 19.87 7.48
C SER A 361 -25.71 20.02 5.96
N ILE A 362 -26.39 19.06 5.36
CA ILE A 362 -26.78 19.12 3.95
C ILE A 362 -27.78 20.25 3.63
N ASN A 363 -28.47 20.78 4.65
CA ASN A 363 -29.37 21.92 4.46
C ASN A 363 -28.65 23.23 4.13
N ASN A 364 -27.35 23.32 4.40
CA ASN A 364 -26.58 24.56 4.14
C ASN A 364 -26.15 24.70 2.66
N SER A 365 -26.86 25.52 1.89
CA SER A 365 -26.57 25.72 0.45
C SER A 365 -25.46 26.76 0.13
N LYS A 366 -25.07 27.58 1.10
CA LYS A 366 -23.86 28.42 0.98
C LYS A 366 -22.54 27.64 1.15
N TYR A 367 -22.60 26.43 1.71
CA TYR A 367 -21.40 25.61 1.94
C TYR A 367 -20.60 25.43 0.66
N ASP A 368 -19.41 26.02 0.63
CA ASP A 368 -18.56 25.99 -0.57
C ASP A 368 -17.14 25.47 -0.27
N PRO A 369 -16.81 24.24 -0.73
CA PRO A 369 -15.48 23.65 -0.56
C PRO A 369 -14.28 24.51 -0.98
N LYS A 370 -14.43 25.24 -2.09
CA LYS A 370 -13.36 26.12 -2.60
C LYS A 370 -13.00 27.24 -1.64
N THR A 371 -14.00 27.85 -1.00
CA THR A 371 -13.68 28.87 -0.01
C THR A 371 -12.97 28.22 1.20
N ILE A 372 -13.35 27.00 1.56
CA ILE A 372 -12.73 26.31 2.70
C ILE A 372 -11.27 25.98 2.41
N ILE A 373 -11.00 25.46 1.23
CA ILE A 373 -9.64 25.15 0.80
C ILE A 373 -8.74 26.38 0.76
N ALA A 374 -9.23 27.47 0.16
CA ALA A 374 -8.47 28.72 0.12
C ALA A 374 -8.13 29.19 1.54
N ALA A 375 -9.13 29.20 2.41
CA ALA A 375 -8.92 29.66 3.78
C ALA A 375 -7.99 28.76 4.61
N LEU A 376 -7.78 27.52 4.17
CA LEU A 376 -6.84 26.64 4.85
C LEU A 376 -5.46 26.56 4.22
N THR A 377 -5.27 27.21 3.09
CA THR A 377 -4.07 27.06 2.27
C THR A 377 -2.96 28.10 2.59
N CYS A 378 -1.87 27.63 3.20
CA CYS A 378 -0.61 28.40 3.36
C CYS A 378 -0.79 29.74 4.12
N LYS A 379 -1.44 29.71 5.29
CA LYS A 379 -1.73 30.94 6.08
C LYS A 379 -0.68 31.28 7.12
N LYS A 380 -0.34 30.30 7.92
CA LYS A 380 0.63 30.45 9.00
C LYS A 380 1.95 29.91 8.48
N PRO A 381 3.08 30.59 8.79
CA PRO A 381 4.44 30.06 8.50
C PRO A 381 4.67 28.60 8.92
N ASP A 382 4.47 28.24 10.17
CA ASP A 382 4.76 26.85 10.59
C ASP A 382 3.69 25.80 10.23
N GLN A 383 2.68 26.16 9.43
CA GLN A 383 1.44 25.39 9.28
C GLN A 383 1.63 23.87 9.18
N HIS A 384 1.09 23.12 10.13
CA HIS A 384 1.39 21.70 10.26
C HIS A 384 0.34 20.75 9.66
N PHE A 385 -0.49 21.24 8.75
CA PHE A 385 -1.34 20.37 7.93
C PHE A 385 -1.39 20.97 6.54
N LYS A 386 -1.79 20.18 5.56
CA LYS A 386 -2.06 20.73 4.25
C LYS A 386 -3.41 20.24 3.72
N PRO A 387 -4.26 21.16 3.25
CA PRO A 387 -5.55 20.78 2.65
C PRO A 387 -5.40 20.32 1.19
N TYR A 388 -6.25 19.37 0.81
CA TYR A 388 -6.33 18.86 -0.56
C TYR A 388 -7.79 18.55 -0.85
N MET A 389 -8.24 18.82 -2.07
CA MET A 389 -9.37 18.09 -2.61
C MET A 389 -8.80 16.68 -2.85
N LYS A 390 -9.58 15.67 -2.52
CA LYS A 390 -9.08 14.29 -2.45
C LYS A 390 -8.48 13.80 -3.78
N GLN A 391 -9.03 14.26 -4.91
CA GLN A 391 -8.44 13.93 -6.22
C GLN A 391 -7.04 14.50 -6.47
N HIS A 392 -6.57 15.42 -5.62
CA HIS A 392 -5.22 15.99 -5.74
C HIS A 392 -4.23 15.45 -4.73
N LEU A 393 -4.69 14.52 -3.87
CA LEU A 393 -3.78 13.81 -3.00
C LEU A 393 -2.80 13.02 -3.85
N PRO A 394 -1.56 12.81 -3.34
CA PRO A 394 -0.61 11.94 -4.02
C PRO A 394 -1.25 10.64 -4.40
N LYS A 395 -1.01 10.21 -5.64
CA LYS A 395 -1.68 9.04 -6.16
C LYS A 395 -1.26 7.77 -5.44
N ARG A 396 -0.03 7.78 -4.92
CA ARG A 396 0.51 6.66 -4.15
C ARG A 396 -0.34 6.28 -2.94
N LEU A 397 -1.09 7.23 -2.39
CA LEU A 397 -2.02 6.95 -1.29
C LEU A 397 -3.28 6.18 -1.70
N HIS A 398 -3.66 6.24 -2.99
CA HIS A 398 -4.88 5.60 -3.47
C HIS A 398 -6.07 5.86 -2.59
N TYR A 399 -6.26 7.11 -2.20
CA TYR A 399 -7.23 7.44 -1.19
C TYR A 399 -8.20 8.48 -1.76
N ALA A 400 -9.05 8.03 -2.68
CA ALA A 400 -10.03 8.94 -3.25
C ALA A 400 -11.28 8.34 -3.81
N ASN A 401 -11.22 7.12 -4.31
CA ASN A 401 -12.32 6.58 -5.07
C ASN A 401 -13.27 5.81 -4.15
N ASN A 402 -13.91 6.56 -3.24
CA ASN A 402 -14.97 6.01 -2.41
C ASN A 402 -15.81 7.19 -1.94
N ARG A 403 -17.13 7.03 -1.99
CA ARG A 403 -18.05 8.07 -1.51
C ARG A 403 -17.96 8.34 0.02
N ARG A 404 -17.31 7.46 0.77
CA ARG A 404 -17.11 7.61 2.19
C ARG A 404 -15.90 8.46 2.53
N ILE A 405 -15.11 8.81 1.51
CA ILE A 405 -13.97 9.70 1.69
C ILE A 405 -14.43 11.08 1.25
N GLU A 406 -14.37 12.02 2.19
CA GLU A 406 -14.82 13.38 2.02
C GLU A 406 -13.93 14.13 1.01
N ASP A 407 -14.55 15.01 0.25
CA ASP A 407 -13.87 15.76 -0.79
C ASP A 407 -12.68 16.53 -0.26
N ILE A 408 -12.83 17.14 0.92
CA ILE A 408 -11.74 17.87 1.51
C ILE A 408 -10.98 16.97 2.48
N HIS A 409 -9.67 16.88 2.26
CA HIS A 409 -8.79 16.09 3.08
C HIS A 409 -7.68 16.95 3.57
N LEU A 410 -7.28 16.73 4.82
CA LEU A 410 -6.14 17.37 5.40
C LEU A 410 -5.08 16.31 5.65
N LEU A 411 -3.90 16.54 5.10
CA LEU A 411 -2.74 15.73 5.42
C LEU A 411 -2.04 16.41 6.56
N VAL A 412 -1.89 15.70 7.67
CA VAL A 412 -1.32 16.32 8.86
C VAL A 412 0.14 15.89 8.98
N ASP A 413 1.02 16.85 9.31
CA ASP A 413 2.42 16.53 9.59
C ASP A 413 2.56 15.54 10.73
N ARG A 414 3.49 14.60 10.56
CA ARG A 414 3.91 13.69 11.62
C ARG A 414 4.08 14.48 12.94
N ARG A 415 3.56 13.94 14.04
CA ARG A 415 3.68 14.48 15.40
C ARG A 415 2.62 15.52 15.80
N TRP A 416 1.68 15.82 14.90
CA TRP A 416 0.67 16.84 15.09
C TRP A 416 -0.74 16.25 14.97
N HIS A 417 -1.69 17.00 15.47
CA HIS A 417 -3.09 16.69 15.30
C HIS A 417 -3.72 17.89 14.62
N VAL A 418 -4.91 17.70 14.09
CA VAL A 418 -5.81 18.78 13.72
C VAL A 418 -7.14 18.60 14.43
N ALA A 419 -7.71 19.71 14.90
CA ALA A 419 -9.04 19.71 15.54
C ALA A 419 -9.84 20.89 15.04
N ARG A 420 -11.15 20.83 15.25
CA ARG A 420 -12.07 21.87 14.81
C ARG A 420 -11.90 23.17 15.60
N LYS A 421 -11.90 23.05 16.92
CA LYS A 421 -11.83 24.19 17.84
C LYS A 421 -11.26 23.74 19.21
N PRO A 422 -10.70 24.66 20.02
CA PRO A 422 -10.18 24.24 21.33
C PRO A 422 -11.15 23.62 22.34
N LEU A 423 -12.43 23.99 22.31
CA LEU A 423 -13.44 23.38 23.20
C LEU A 423 -14.20 22.27 22.48
N PHE A 435 -2.81 10.95 26.58
CA PHE A 435 -2.27 10.35 25.36
C PHE A 435 -1.00 11.08 24.88
N GLN A 436 0.05 10.34 24.53
CA GLN A 436 1.15 10.95 23.75
C GLN A 436 1.78 10.13 22.63
N GLY A 437 1.02 9.19 22.09
CA GLY A 437 1.40 8.52 20.90
C GLY A 437 0.20 8.54 20.01
N ASP A 438 0.42 8.70 18.72
CA ASP A 438 -0.65 8.42 17.78
C ASP A 438 -0.12 7.97 16.40
N HIS A 439 -1.05 7.54 15.56
CA HIS A 439 -0.78 7.09 14.22
C HIS A 439 -1.97 7.49 13.37
N GLY A 440 -1.87 7.21 12.08
CA GLY A 440 -2.88 7.67 11.11
C GLY A 440 -2.24 8.48 10.00
N PHE A 441 -0.98 8.88 10.15
CA PHE A 441 -0.32 9.72 9.16
C PHE A 441 -0.07 9.02 7.82
N ASP A 442 0.33 9.84 6.86
CA ASP A 442 0.88 9.41 5.56
C ASP A 442 1.66 8.10 5.73
N ASN A 443 1.29 7.08 4.96
CA ASN A 443 1.89 5.74 5.14
C ASN A 443 3.36 5.62 4.73
N LYS A 444 3.97 6.65 4.16
CA LYS A 444 5.41 6.62 3.96
C LYS A 444 6.23 7.16 5.14
N VAL A 445 5.57 7.72 6.15
CA VAL A 445 6.28 8.22 7.34
C VAL A 445 6.91 7.05 8.08
N ASN A 446 8.16 7.22 8.51
CA ASN A 446 8.96 6.19 9.20
C ASN A 446 8.29 5.54 10.41
N SER A 447 7.75 6.38 11.29
CA SER A 447 7.10 5.92 12.50
C SER A 447 5.86 5.09 12.24
N MET A 448 5.21 5.28 11.09
CA MET A 448 4.07 4.45 10.67
C MET A 448 4.44 3.04 10.16
N GLN A 449 5.72 2.79 9.88
CA GLN A 449 6.10 1.48 9.32
C GLN A 449 5.89 0.38 10.39
N THR A 450 5.56 -0.82 9.93
CA THR A 450 5.23 -1.92 10.84
C THR A 450 6.05 -3.18 10.52
N VAL A 451 5.70 -4.33 11.10
CA VAL A 451 6.57 -5.51 10.99
C VAL A 451 5.99 -6.60 10.15
N PHE A 452 6.89 -7.46 9.69
CA PHE A 452 6.51 -8.69 9.03
C PHE A 452 7.56 -9.74 9.25
N VAL A 453 7.09 -10.91 9.67
CA VAL A 453 7.89 -12.12 9.81
C VAL A 453 7.03 -13.28 9.34
N GLY A 454 7.60 -14.14 8.51
CA GLY A 454 7.00 -15.41 8.15
C GLY A 454 7.92 -16.51 8.62
N TYR A 455 7.36 -17.50 9.28
CA TYR A 455 8.13 -18.61 9.84
C TYR A 455 7.35 -19.88 9.53
N GLY A 456 8.05 -20.91 9.07
CA GLY A 456 7.42 -22.21 8.85
C GLY A 456 7.95 -22.90 7.59
N PRO A 457 7.38 -24.08 7.26
CA PRO A 457 7.88 -24.87 6.13
C PRO A 457 7.90 -24.12 4.81
N THR A 458 6.83 -23.40 4.50
CA THR A 458 6.74 -22.69 3.21
C THR A 458 7.59 -21.42 3.08
N PHE A 459 7.95 -20.77 4.18
CA PHE A 459 8.82 -19.59 4.11
C PHE A 459 10.28 -19.97 4.01
N LYS A 460 11.10 -19.04 3.53
CA LYS A 460 12.52 -19.22 3.55
C LYS A 460 13.10 -19.18 4.97
N TYR A 461 14.31 -19.69 5.05
CA TYR A 461 15.01 -19.90 6.28
C TYR A 461 16.07 -18.81 6.39
N ARG A 462 16.14 -18.15 7.54
CA ARG A 462 17.13 -17.13 7.80
C ARG A 462 17.26 -16.09 6.69
N THR A 463 16.15 -15.59 6.18
CA THR A 463 16.19 -14.76 4.98
C THR A 463 15.63 -13.37 5.23
N LYS A 464 16.39 -12.37 4.83
CA LYS A 464 15.94 -11.01 4.83
C LYS A 464 15.40 -10.68 3.45
N VAL A 465 14.24 -10.06 3.40
CA VAL A 465 13.65 -9.57 2.14
C VAL A 465 13.45 -8.06 2.22
N PRO A 466 13.40 -7.36 1.06
CA PRO A 466 13.20 -5.91 1.18
C PRO A 466 11.80 -5.52 1.71
N PRO A 467 11.66 -4.25 2.13
CA PRO A 467 10.35 -3.82 2.62
C PRO A 467 9.34 -3.94 1.51
N PHE A 468 8.10 -4.23 1.86
CA PHE A 468 7.05 -4.33 0.89
C PHE A 468 5.77 -3.78 1.51
N GLU A 469 4.72 -3.69 0.71
CA GLU A 469 3.43 -3.13 1.15
C GLU A 469 2.51 -4.23 1.63
N ASN A 470 1.71 -3.92 2.64
CA ASN A 470 0.81 -4.91 3.25
C ASN A 470 -0.29 -5.35 2.28
N ILE A 471 -0.56 -4.56 1.23
CA ILE A 471 -1.50 -5.04 0.19
C ILE A 471 -1.05 -6.35 -0.51
N GLU A 472 0.24 -6.67 -0.44
CA GLU A 472 0.81 -7.82 -1.12
C GLU A 472 0.60 -9.13 -0.35
N LEU A 473 0.32 -9.05 0.95
CA LEU A 473 0.16 -10.26 1.78
C LEU A 473 -1.01 -11.15 1.47
N TYR A 474 -2.13 -10.59 1.04
CA TYR A 474 -3.29 -11.47 0.71
C TYR A 474 -2.95 -12.59 -0.28
N ASN A 475 -2.14 -12.25 -1.29
CA ASN A 475 -1.75 -13.20 -2.34
C ASN A 475 -0.86 -14.28 -1.79
N VAL A 476 0.10 -13.89 -0.97
CA VAL A 476 0.97 -14.81 -0.25
C VAL A 476 0.20 -15.79 0.60
N MET A 477 -0.76 -15.28 1.36
CA MET A 477 -1.55 -16.13 2.22
C MET A 477 -2.35 -17.11 1.39
N CYS A 478 -2.89 -16.62 0.26
CA CYS A 478 -3.56 -17.53 -0.66
C CYS A 478 -2.62 -18.63 -1.12
N ASP A 479 -1.38 -18.26 -1.48
CA ASP A 479 -0.41 -19.24 -1.98
C ASP A 479 -0.03 -20.21 -0.89
N LEU A 480 0.13 -19.72 0.35
CA LEU A 480 0.41 -20.63 1.50
C LEU A 480 -0.70 -21.63 1.75
N LEU A 481 -1.91 -21.34 1.31
CA LEU A 481 -3.04 -22.24 1.46
C LEU A 481 -3.53 -22.89 0.17
N GLY A 482 -2.76 -22.82 -0.92
CA GLY A 482 -3.19 -23.32 -2.22
C GLY A 482 -4.49 -22.73 -2.72
N LEU A 483 -4.73 -21.46 -2.48
CA LEU A 483 -5.97 -20.82 -2.90
C LEU A 483 -5.73 -19.89 -4.07
N LYS A 484 -6.71 -19.81 -4.95
CA LYS A 484 -6.79 -18.82 -6.02
C LYS A 484 -7.22 -17.44 -5.45
N PRO A 485 -6.33 -16.43 -5.44
CA PRO A 485 -6.75 -15.15 -4.88
C PRO A 485 -7.89 -14.50 -5.63
N ALA A 486 -8.75 -13.79 -4.92
CA ALA A 486 -9.76 -12.95 -5.54
C ALA A 486 -9.07 -11.70 -6.10
N PRO A 487 -9.69 -11.01 -7.06
CA PRO A 487 -9.01 -9.81 -7.64
C PRO A 487 -8.68 -8.78 -6.56
N ASN A 488 -7.41 -8.36 -6.53
CA ASN A 488 -6.92 -7.47 -5.50
C ASN A 488 -5.80 -6.55 -6.02
N ASN A 489 -5.21 -5.75 -5.15
CA ASN A 489 -4.26 -4.72 -5.55
C ASN A 489 -2.83 -5.13 -5.33
N GLY A 490 -2.60 -6.31 -4.77
CA GLY A 490 -1.27 -6.92 -4.79
C GLY A 490 -0.81 -7.22 -6.23
N THR A 491 0.48 -7.38 -6.40
CA THR A 491 1.02 -7.83 -7.70
C THR A 491 1.48 -9.27 -7.46
N HIS A 492 0.68 -10.20 -7.97
CA HIS A 492 0.89 -11.62 -7.70
C HIS A 492 2.19 -12.13 -8.36
N GLY A 493 3.08 -12.65 -7.52
CA GLY A 493 4.43 -13.00 -7.85
C GLY A 493 5.49 -12.07 -7.35
N SER A 494 5.14 -10.84 -6.96
CA SER A 494 6.16 -9.87 -6.54
C SER A 494 6.79 -10.26 -5.19
N LEU A 495 6.09 -11.08 -4.41
CA LEU A 495 6.68 -11.67 -3.19
C LEU A 495 7.07 -13.16 -3.27
N ASN A 496 7.33 -13.69 -4.46
CA ASN A 496 7.79 -15.09 -4.58
C ASN A 496 9.08 -15.35 -3.81
N HIS A 497 9.95 -14.36 -3.81
CA HIS A 497 11.21 -14.43 -3.07
C HIS A 497 11.07 -14.60 -1.54
N LEU A 498 9.84 -14.56 -0.99
CA LEU A 498 9.64 -14.92 0.43
C LEU A 498 9.50 -16.40 0.69
N LEU A 499 9.12 -17.17 -0.34
CA LEU A 499 8.76 -18.57 -0.19
C LEU A 499 9.84 -19.55 -0.68
N ARG A 500 9.92 -20.68 0.00
CA ARG A 500 10.69 -21.85 -0.46
C ARG A 500 10.01 -22.51 -1.69
N THR A 501 8.69 -22.68 -1.65
CA THR A 501 7.93 -23.29 -2.74
C THR A 501 6.84 -22.35 -3.20
N ASN A 502 6.89 -22.01 -4.50
CA ASN A 502 5.93 -21.11 -5.16
C ASN A 502 4.97 -21.84 -6.05
N THR A 503 3.72 -21.97 -5.59
CA THR A 503 2.65 -22.47 -6.46
C THR A 503 2.24 -21.44 -7.55
N PHE A 504 2.66 -20.16 -7.44
CA PHE A 504 2.35 -19.17 -8.48
C PHE A 504 3.57 -18.65 -9.27
N ARG A 505 3.53 -18.86 -10.58
CA ARG A 505 4.53 -18.34 -11.51
C ARG A 505 3.83 -17.29 -12.37
N PRO A 506 4.26 -16.03 -12.25
CA PRO A 506 3.59 -14.99 -13.01
C PRO A 506 3.99 -15.07 -14.48
N THR A 507 3.12 -14.59 -15.35
CA THR A 507 3.41 -14.49 -16.79
C THR A 507 3.11 -13.08 -17.28
N MET A 508 4.00 -12.55 -18.12
CA MET A 508 3.82 -11.23 -18.70
C MET A 508 2.49 -11.15 -19.40
N PRO A 509 1.74 -10.06 -19.23
CA PRO A 509 0.51 -9.94 -20.03
C PRO A 509 0.82 -9.80 -21.53
N ASP A 510 -0.11 -10.27 -22.37
CA ASP A 510 0.04 -10.21 -23.81
C ASP A 510 -0.22 -8.78 -24.27
N GLU A 511 0.63 -8.24 -25.15
CA GLU A 511 0.34 -6.92 -25.72
C GLU A 511 -0.96 -6.99 -26.54
N VAL A 512 -1.78 -5.95 -26.44
CA VAL A 512 -3.07 -5.92 -27.12
C VAL A 512 -3.03 -5.13 -28.42
N SER A 513 -2.34 -3.98 -28.42
CA SER A 513 -2.23 -3.16 -29.63
C SER A 513 -0.82 -3.15 -30.08
N ARG A 514 -0.65 -3.39 -31.36
CA ARG A 514 0.64 -3.42 -32.00
C ARG A 514 0.82 -2.05 -32.65
N PRO A 515 2.04 -1.49 -32.55
CA PRO A 515 2.28 -0.17 -33.05
C PRO A 515 2.40 -0.12 -34.57
N ASN A 516 2.04 1.02 -35.16
CA ASN A 516 2.39 1.36 -36.54
C ASN A 516 3.76 2.04 -36.57
N TYR A 517 4.42 1.96 -37.72
CA TYR A 517 5.74 2.52 -37.94
C TYR A 517 5.67 3.43 -39.16
N PRO A 518 5.10 4.64 -39.00
CA PRO A 518 4.88 5.48 -40.16
C PRO A 518 6.18 6.05 -40.71
N GLY A 519 6.32 6.02 -42.04
CA GLY A 519 7.44 6.63 -42.74
C GLY A 519 7.13 8.10 -43.01
N ILE A 520 8.00 8.74 -43.80
CA ILE A 520 7.83 10.14 -44.15
C ILE A 520 6.80 10.20 -45.25
N MET A 521 5.63 10.75 -44.96
CA MET A 521 4.53 10.75 -45.91
C MET A 521 4.15 12.13 -46.39
N TYR A 522 3.98 13.06 -45.47
CA TYR A 522 3.29 14.30 -45.74
C TYR A 522 4.26 15.41 -46.05
N LEU A 523 3.80 16.36 -46.84
CA LEU A 523 4.52 17.59 -47.08
C LEU A 523 4.18 18.59 -45.98
N GLN A 524 5.13 19.48 -45.69
CA GLN A 524 4.97 20.57 -44.71
C GLN A 524 3.89 21.57 -45.08
N SER A 525 3.68 21.74 -46.39
CA SER A 525 2.58 22.53 -46.93
C SER A 525 1.21 21.93 -46.68
N GLU A 526 1.12 20.62 -46.42
CA GLU A 526 -0.17 19.99 -46.05
C GLU A 526 -0.64 20.26 -44.61
N PHE A 527 0.13 21.02 -43.83
CA PHE A 527 -0.16 21.25 -42.42
C PHE A 527 -0.74 22.63 -42.21
N ASP A 528 -1.97 22.68 -41.70
CA ASP A 528 -2.64 23.95 -41.40
C ASP A 528 -2.79 24.11 -39.90
N LEU A 529 -1.69 23.95 -39.17
CA LEU A 529 -1.77 23.84 -37.72
C LEU A 529 -1.55 25.14 -36.98
N GLY A 530 -1.22 26.21 -37.69
CA GLY A 530 -1.00 27.51 -37.05
C GLY A 530 0.29 27.62 -36.25
N CYS A 531 1.25 26.73 -36.54
CA CYS A 531 2.55 26.70 -35.85
C CYS A 531 3.60 27.38 -36.70
N THR A 532 4.70 27.76 -36.05
CA THR A 532 5.80 28.48 -36.69
C THR A 532 7.12 28.16 -36.02
N CYS A 533 8.18 28.08 -36.82
CA CYS A 533 9.51 27.80 -36.34
C CYS A 533 10.57 28.53 -37.18
N ASP A 534 11.56 29.08 -36.48
CA ASP A 534 12.67 29.82 -37.08
C ASP A 534 13.95 29.01 -36.99
N SER A 555 20.06 2.27 -34.14
CA SER A 555 20.43 1.98 -32.78
C SER A 555 19.70 2.90 -31.79
N THR A 556 18.60 3.51 -32.25
CA THR A 556 17.72 4.32 -31.40
C THR A 556 17.09 3.47 -30.31
N LYS A 557 16.50 2.35 -30.70
CA LYS A 557 15.80 1.45 -29.79
C LYS A 557 16.74 0.84 -28.75
N GLU A 558 17.92 0.40 -29.19
CA GLU A 558 18.89 -0.21 -28.28
C GLU A 558 19.49 0.80 -27.29
N ARG A 559 19.59 2.07 -27.69
CA ARG A 559 20.15 3.09 -26.82
C ARG A 559 19.10 3.72 -25.90
N HIS A 560 17.89 3.93 -26.42
CA HIS A 560 16.85 4.68 -25.72
C HIS A 560 15.76 3.83 -25.07
N LEU A 561 15.52 2.63 -25.57
CA LEU A 561 14.69 1.65 -24.86
C LEU A 561 15.53 0.53 -24.31
N LEU A 562 16.11 0.79 -23.13
CA LEU A 562 17.03 -0.14 -22.49
C LEU A 562 16.36 -1.45 -22.09
N TYR A 563 15.09 -1.37 -21.69
CA TYR A 563 14.39 -2.51 -21.11
C TYR A 563 13.25 -2.90 -22.03
N GLY A 564 13.37 -2.54 -23.29
CA GLY A 564 12.37 -2.88 -24.27
C GLY A 564 11.22 -1.90 -24.31
N ARG A 565 10.43 -2.13 -25.35
CA ARG A 565 9.31 -1.30 -25.70
C ARG A 565 8.17 -1.60 -24.76
N PRO A 566 7.57 -0.57 -24.17
CA PRO A 566 6.37 -0.82 -23.37
C PRO A 566 5.25 -1.43 -24.20
N ALA A 567 4.51 -2.36 -23.62
CA ALA A 567 3.35 -2.94 -24.29
C ALA A 567 2.09 -2.21 -23.88
N VAL A 568 1.24 -1.96 -24.88
CA VAL A 568 -0.05 -1.33 -24.68
C VAL A 568 -1.04 -2.45 -24.48
N LEU A 569 -1.70 -2.47 -23.34
CA LEU A 569 -2.60 -3.56 -22.94
C LEU A 569 -4.07 -3.21 -23.12
N TYR A 570 -4.37 -2.28 -24.04
CA TYR A 570 -5.74 -1.97 -24.39
C TYR A 570 -5.79 -1.69 -25.89
N ARG A 571 -6.99 -1.67 -26.46
CA ARG A 571 -7.15 -1.41 -27.88
C ARG A 571 -7.03 0.07 -28.18
N THR A 572 -6.16 0.39 -29.12
CA THR A 572 -5.96 1.77 -29.53
C THR A 572 -5.09 1.77 -30.79
N SER A 573 -4.81 2.96 -31.32
CA SER A 573 -3.97 3.10 -32.49
C SER A 573 -2.85 4.09 -32.18
N TYR A 574 -1.61 3.62 -32.27
CA TYR A 574 -0.46 4.43 -31.94
C TYR A 574 0.71 4.10 -32.86
N ASP A 575 1.63 5.06 -32.96
CA ASP A 575 2.76 5.09 -33.88
C ASP A 575 4.03 5.06 -33.08
N ILE A 576 4.98 4.20 -33.43
CA ILE A 576 6.34 4.35 -32.88
C ILE A 576 7.07 5.38 -33.70
N LEU A 577 7.63 6.38 -33.04
CA LEU A 577 8.40 7.44 -33.67
C LEU A 577 9.81 7.37 -33.10
N TYR A 578 10.77 7.23 -34.00
CA TYR A 578 12.18 7.21 -33.64
C TYR A 578 12.80 8.59 -33.87
N HIS A 579 13.77 8.95 -33.05
CA HIS A 579 14.61 10.14 -33.26
C HIS A 579 15.97 9.85 -32.64
N THR A 580 16.94 10.73 -32.92
CA THR A 580 18.31 10.53 -32.46
C THR A 580 18.38 10.43 -30.92
N ASP A 581 17.69 11.33 -30.25
CA ASP A 581 17.78 11.44 -28.80
C ASP A 581 16.70 10.72 -27.99
N PHE A 582 15.64 10.24 -28.66
CA PHE A 582 14.50 9.64 -27.94
C PHE A 582 13.55 8.91 -28.86
N GLU A 583 12.80 7.99 -28.28
CA GLU A 583 11.76 7.26 -28.99
C GLU A 583 10.41 7.48 -28.29
N SER A 584 9.30 7.34 -29.01
CA SER A 584 8.00 7.55 -28.39
C SER A 584 6.92 6.71 -29.00
N GLY A 585 5.87 6.47 -28.21
CA GLY A 585 4.68 5.78 -28.64
C GLY A 585 3.60 6.83 -28.75
N TYR A 586 3.33 7.27 -29.97
CA TYR A 586 2.45 8.41 -30.17
C TYR A 586 1.02 7.97 -30.42
N SER A 587 0.10 8.36 -29.52
CA SER A 587 -1.31 8.02 -29.69
C SER A 587 -2.02 8.91 -30.69
N GLU A 588 -2.66 8.30 -31.68
CA GLU A 588 -3.49 9.03 -32.66
C GLU A 588 -4.87 9.38 -32.14
N ILE A 589 -5.27 8.78 -31.02
CA ILE A 589 -6.54 9.09 -30.36
C ILE A 589 -6.35 10.31 -29.43
N PHE A 590 -5.29 10.30 -28.64
CA PHE A 590 -5.02 11.35 -27.65
C PHE A 590 -4.14 12.50 -28.18
N LEU A 591 -3.61 12.36 -29.40
CA LEU A 591 -2.81 13.38 -30.09
C LEU A 591 -1.51 13.72 -29.36
N MET A 592 -0.95 12.76 -28.64
CA MET A 592 0.30 12.98 -27.91
C MET A 592 0.91 11.64 -27.53
N PRO A 593 2.16 11.65 -27.07
CA PRO A 593 2.75 10.38 -26.67
C PRO A 593 2.06 9.71 -25.46
N LEU A 594 1.97 8.39 -25.52
CA LEU A 594 1.58 7.60 -24.35
C LEU A 594 2.81 7.51 -23.46
N TRP A 595 3.95 7.36 -24.11
CA TRP A 595 5.26 7.30 -23.47
C TRP A 595 6.32 7.89 -24.39
N THR A 596 7.37 8.40 -23.76
CA THR A 596 8.56 8.89 -24.49
C THR A 596 9.73 8.37 -23.70
N SER A 597 10.73 7.82 -24.38
CA SER A 597 11.81 7.15 -23.70
C SER A 597 13.14 7.68 -24.22
N TYR A 598 14.05 7.93 -23.27
CA TYR A 598 15.37 8.40 -23.61
C TYR A 598 16.37 8.09 -22.52
N THR A 599 17.64 8.15 -22.90
CA THR A 599 18.71 7.75 -22.01
C THR A 599 19.69 8.90 -21.95
N ILE A 600 20.15 9.20 -20.74
CA ILE A 600 21.07 10.31 -20.50
C ILE A 600 22.28 9.75 -19.79
N SER A 601 23.43 9.78 -20.44
CA SER A 601 24.66 9.32 -19.84
C SER A 601 25.12 10.28 -18.74
N LYS A 602 25.98 9.76 -17.87
CA LYS A 602 26.57 10.51 -16.77
C LYS A 602 27.24 11.84 -17.18
N GLN A 603 27.90 11.89 -18.35
CA GLN A 603 28.52 13.13 -18.84
C GLN A 603 27.81 13.72 -20.06
N ALA A 604 26.47 13.58 -20.13
CA ALA A 604 25.68 14.28 -21.14
C ALA A 604 25.58 15.73 -20.73
N GLU A 605 25.36 16.62 -21.70
CA GLU A 605 25.45 18.06 -21.47
C GLU A 605 24.12 18.78 -21.62
N VAL A 606 23.87 19.70 -20.70
CA VAL A 606 22.66 20.52 -20.67
C VAL A 606 22.97 21.77 -21.49
N SER A 607 22.04 22.09 -22.40
CA SER A 607 22.01 23.37 -23.08
C SER A 607 20.65 24.01 -22.77
N SER A 608 20.49 25.25 -23.20
CA SER A 608 19.22 25.96 -23.09
C SER A 608 18.44 25.77 -24.38
N ILE A 609 17.15 26.12 -24.36
CA ILE A 609 16.40 26.34 -25.57
C ILE A 609 16.89 27.69 -26.13
N PRO A 610 17.59 27.72 -27.30
CA PRO A 610 17.98 29.03 -27.81
C PRO A 610 16.80 29.95 -28.08
N GLU A 611 17.09 31.25 -28.10
CA GLU A 611 16.09 32.31 -28.15
C GLU A 611 15.20 32.21 -29.38
N HIS A 612 15.80 31.89 -30.52
CA HIS A 612 15.09 31.89 -31.80
C HIS A 612 14.13 30.71 -31.96
N LEU A 613 14.31 29.65 -31.17
CA LEU A 613 13.39 28.50 -31.16
C LEU A 613 12.38 28.54 -30.00
N THR A 614 12.37 29.61 -29.22
CA THR A 614 11.51 29.69 -28.01
C THR A 614 10.03 29.31 -28.27
N ASN A 615 9.48 29.75 -29.40
CA ASN A 615 8.10 29.44 -29.78
C ASN A 615 8.01 28.44 -30.96
N CYS A 616 9.09 27.70 -31.20
CA CYS A 616 9.15 26.74 -32.31
C CYS A 616 8.31 25.49 -32.01
N VAL A 617 7.34 25.20 -32.88
CA VAL A 617 6.70 23.90 -32.97
C VAL A 617 6.69 23.51 -34.44
N ARG A 618 7.27 22.35 -34.76
CA ARG A 618 7.43 21.89 -36.15
C ARG A 618 6.46 20.76 -36.41
N PRO A 619 5.75 20.79 -37.57
CA PRO A 619 4.87 19.66 -37.87
C PRO A 619 5.71 18.41 -38.08
N ASP A 620 5.15 17.23 -37.79
CA ASP A 620 5.83 15.94 -37.95
C ASP A 620 5.32 15.30 -39.23
N VAL A 621 6.15 15.26 -40.27
CA VAL A 621 5.71 14.71 -41.59
C VAL A 621 5.33 13.20 -41.55
N ARG A 622 5.71 12.47 -40.49
CA ARG A 622 5.29 11.06 -40.32
C ARG A 622 3.83 10.88 -39.86
N VAL A 623 3.21 11.92 -39.29
CA VAL A 623 1.86 11.86 -38.76
C VAL A 623 0.97 12.89 -39.45
N SER A 624 -0.26 12.50 -39.75
CA SER A 624 -1.15 13.35 -40.57
C SER A 624 -1.62 14.57 -39.78
N PRO A 625 -1.89 15.68 -40.49
CA PRO A 625 -2.47 16.87 -39.86
C PRO A 625 -3.68 16.52 -38.97
N GLY A 626 -4.60 15.73 -39.53
CA GLY A 626 -5.76 15.23 -38.81
C GLY A 626 -5.50 14.56 -37.48
N PHE A 627 -4.31 13.99 -37.29
CA PHE A 627 -3.93 13.35 -36.03
C PHE A 627 -2.82 14.07 -35.28
N SER A 628 -2.69 15.37 -35.54
CA SER A 628 -1.73 16.21 -34.83
C SER A 628 -2.46 17.23 -33.97
N GLN A 629 -1.74 17.75 -32.99
CA GLN A 629 -2.21 18.93 -32.22
C GLN A 629 -2.03 20.13 -33.13
N ASN A 630 -2.68 21.24 -32.78
CA ASN A 630 -2.45 22.51 -33.47
C ASN A 630 -2.14 23.60 -32.45
N CYS A 631 -1.27 24.52 -32.87
CA CYS A 631 -0.81 25.61 -32.01
C CYS A 631 -1.85 26.70 -31.83
N LEU A 632 -2.83 26.74 -32.74
CA LEU A 632 -3.94 27.68 -32.67
C LEU A 632 -4.81 27.46 -31.44
N ALA A 633 -5.00 26.20 -31.05
CA ALA A 633 -5.74 25.88 -29.83
C ALA A 633 -5.08 26.49 -28.61
N TYR A 634 -3.74 26.43 -28.55
CA TYR A 634 -2.99 26.99 -27.41
C TYR A 634 -3.04 28.51 -27.29
N LYS A 635 -2.99 29.19 -28.44
CA LYS A 635 -3.23 30.62 -28.53
C LYS A 635 -4.63 30.97 -28.02
N ASN A 636 -5.65 30.26 -28.51
CA ASN A 636 -7.04 30.45 -28.06
C ASN A 636 -7.35 30.09 -26.60
N ASP A 637 -6.49 29.28 -25.96
CA ASP A 637 -6.64 28.94 -24.56
C ASP A 637 -5.71 29.84 -23.73
N LYS A 638 -6.35 30.75 -23.02
CA LYS A 638 -5.64 31.74 -22.23
C LYS A 638 -4.94 31.08 -21.04
N GLN A 639 -5.58 30.08 -20.43
CA GLN A 639 -5.02 29.29 -19.30
C GLN A 639 -3.91 28.29 -19.67
N MET A 640 -3.94 27.77 -20.90
CA MET A 640 -3.12 26.60 -21.24
C MET A 640 -1.94 26.93 -22.10
N SER A 641 -0.76 26.51 -21.67
CA SER A 641 0.42 26.57 -22.54
C SER A 641 0.79 25.12 -22.96
N TYR A 642 2.04 24.89 -23.34
CA TYR A 642 2.48 23.58 -23.79
C TYR A 642 3.88 23.34 -23.31
N GLY A 643 4.24 22.05 -23.25
CA GLY A 643 5.59 21.63 -22.94
C GLY A 643 5.95 20.44 -23.79
N PHE A 644 7.15 19.91 -23.55
CA PHE A 644 7.65 18.79 -24.31
C PHE A 644 8.01 17.63 -23.40
N LEU A 645 7.78 16.41 -23.88
CA LEU A 645 8.14 15.23 -23.11
C LEU A 645 9.63 14.94 -23.14
N PHE A 646 10.20 14.78 -24.33
CA PHE A 646 11.66 14.86 -24.41
C PHE A 646 12.10 16.34 -24.30
N PRO A 647 12.99 16.64 -23.32
CA PRO A 647 13.46 18.01 -23.10
C PRO A 647 14.39 18.50 -24.21
N PRO A 648 14.06 19.64 -24.83
CA PRO A 648 15.03 20.23 -25.73
C PRO A 648 16.37 20.50 -25.03
N TYR A 649 16.31 20.82 -23.75
CA TYR A 649 17.48 21.04 -22.91
C TYR A 649 18.55 19.95 -22.97
N LEU A 650 18.17 18.70 -23.20
CA LEU A 650 19.11 17.60 -23.21
C LEU A 650 19.43 17.02 -24.61
N SER A 651 19.14 17.75 -25.68
CA SER A 651 19.52 17.25 -27.01
C SER A 651 21.03 16.97 -27.14
N SER A 652 21.38 16.04 -28.02
CA SER A 652 22.79 15.62 -28.24
C SER A 652 23.55 16.59 -29.16
N SER A 653 22.86 17.21 -30.09
CA SER A 653 23.43 18.23 -30.96
C SER A 653 22.39 19.32 -31.18
N PRO A 654 22.80 20.47 -31.76
CA PRO A 654 21.82 21.50 -32.12
C PRO A 654 20.89 21.05 -33.26
N GLU A 655 21.39 20.18 -34.12
CA GLU A 655 20.64 19.61 -35.22
C GLU A 655 19.55 18.67 -34.66
N ALA A 656 19.95 17.76 -33.77
CA ALA A 656 18.98 16.86 -33.09
C ALA A 656 17.94 17.63 -32.30
N LYS A 657 18.35 18.73 -31.64
CA LYS A 657 17.42 19.63 -30.91
C LYS A 657 16.11 19.96 -31.65
N TYR A 658 16.18 20.06 -32.98
CA TYR A 658 14.98 20.28 -33.80
C TYR A 658 13.92 19.18 -33.65
N ASP A 659 14.34 17.92 -33.48
CA ASP A 659 13.43 16.79 -33.14
C ASP A 659 12.56 17.07 -31.89
N ALA A 660 13.18 17.63 -30.85
CA ALA A 660 12.47 18.05 -29.64
C ALA A 660 11.26 18.93 -29.93
N PHE A 661 11.35 19.85 -30.90
CA PHE A 661 10.24 20.77 -31.15
C PHE A 661 9.12 20.23 -32.05
N LEU A 662 9.15 18.95 -32.40
CA LEU A 662 8.07 18.37 -33.16
C LEU A 662 6.78 18.49 -32.38
N VAL A 663 5.69 18.76 -33.10
CA VAL A 663 4.34 18.82 -32.56
C VAL A 663 3.95 17.50 -31.85
N THR A 664 4.56 16.39 -32.27
CA THR A 664 4.34 15.05 -31.73
C THR A 664 5.09 14.75 -30.43
N ASN A 665 5.94 15.69 -29.98
CA ASN A 665 6.59 15.63 -28.66
C ASN A 665 5.98 16.65 -27.64
N MET A 666 4.86 17.25 -28.02
CA MET A 666 4.31 18.42 -27.37
C MET A 666 3.18 17.92 -26.48
N VAL A 667 3.00 18.55 -25.33
CA VAL A 667 1.93 18.18 -24.38
C VAL A 667 1.34 19.44 -23.73
N PRO A 668 0.01 19.45 -23.46
CA PRO A 668 -0.58 20.62 -22.79
C PRO A 668 -0.12 20.78 -21.36
N MET A 669 0.36 21.98 -21.05
CA MET A 669 0.87 22.31 -19.72
C MET A 669 0.43 23.70 -19.24
N TYR A 670 -0.03 23.77 -17.98
CA TYR A 670 -0.39 25.03 -17.38
C TYR A 670 0.94 25.68 -17.08
N PRO A 671 1.03 27.02 -17.25
CA PRO A 671 2.23 27.79 -16.89
C PRO A 671 2.75 27.51 -15.51
N ALA A 672 1.87 27.40 -14.52
CA ALA A 672 2.25 26.99 -13.18
C ALA A 672 2.98 25.66 -13.20
N PHE A 673 2.46 24.72 -13.98
CA PHE A 673 3.10 23.40 -14.06
C PHE A 673 4.42 23.38 -14.84
N LYS A 674 4.52 24.22 -15.87
CA LYS A 674 5.79 24.41 -16.59
C LYS A 674 6.96 24.77 -15.69
N ARG A 675 6.73 25.58 -14.65
CA ARG A 675 7.81 25.86 -13.68
C ARG A 675 8.33 24.58 -13.06
N VAL A 676 7.43 23.63 -12.76
CA VAL A 676 7.86 22.35 -12.16
C VAL A 676 8.59 21.53 -13.21
N TRP A 677 7.94 21.40 -14.35
CA TRP A 677 8.41 20.53 -15.40
C TRP A 677 9.76 20.98 -15.99
N ALA A 678 9.91 22.28 -16.25
CA ALA A 678 11.18 22.81 -16.77
C ALA A 678 12.33 22.58 -15.79
N TYR A 679 12.03 22.66 -14.50
CA TYR A 679 13.06 22.45 -13.49
C TYR A 679 13.47 20.99 -13.41
N PHE A 680 12.49 20.10 -13.49
CA PHE A 680 12.78 18.68 -13.58
C PHE A 680 13.65 18.35 -14.82
N GLN A 681 13.21 18.81 -15.97
CA GLN A 681 13.90 18.50 -17.22
C GLN A 681 15.29 19.15 -17.37
N ARG A 682 15.38 20.45 -17.15
CA ARG A 682 16.62 21.18 -17.32
C ARG A 682 17.66 20.85 -16.23
N VAL A 683 17.22 20.77 -14.96
CA VAL A 683 18.12 20.58 -13.81
C VAL A 683 18.17 19.16 -13.23
N LEU A 684 17.02 18.59 -12.86
CA LEU A 684 17.02 17.35 -12.09
C LEU A 684 17.45 16.12 -12.90
N VAL A 685 17.03 16.03 -14.16
CA VAL A 685 17.36 14.84 -14.97
C VAL A 685 18.87 14.66 -15.09
N LYS A 686 19.58 15.75 -15.36
CA LYS A 686 21.01 15.70 -15.39
C LYS A 686 21.60 15.35 -14.02
N LYS A 687 21.00 15.89 -12.96
CA LYS A 687 21.47 15.62 -11.62
C LYS A 687 21.45 14.11 -11.33
N TYR A 688 20.34 13.45 -11.68
CA TYR A 688 20.18 12.00 -11.43
C TYR A 688 21.13 11.17 -12.30
N ALA A 689 21.30 11.59 -13.55
CA ALA A 689 22.26 10.93 -14.43
C ALA A 689 23.66 10.98 -13.85
N SER A 690 24.03 12.11 -13.22
CA SER A 690 25.35 12.25 -12.61
C SER A 690 25.49 11.29 -11.45
N GLU A 691 24.54 11.35 -10.53
CA GLU A 691 24.58 10.58 -9.29
C GLU A 691 24.45 9.07 -9.46
N ARG A 692 23.63 8.64 -10.43
CA ARG A 692 23.32 7.23 -10.67
C ARG A 692 24.05 6.62 -11.89
N ASN A 693 25.04 7.35 -12.41
CA ASN A 693 25.84 6.92 -13.56
C ASN A 693 24.95 6.65 -14.79
N GLY A 694 24.31 7.72 -15.25
CA GLY A 694 23.38 7.68 -16.37
C GLY A 694 21.99 7.19 -15.92
N VAL A 695 20.95 7.66 -16.60
CA VAL A 695 19.60 7.16 -16.38
C VAL A 695 18.81 6.98 -17.67
N ASN A 696 17.92 5.99 -17.63
CA ASN A 696 16.86 5.86 -18.60
C ASN A 696 15.61 6.47 -18.01
N VAL A 697 14.96 7.34 -18.78
CA VAL A 697 13.76 8.05 -18.42
C VAL A 697 12.61 7.71 -19.38
N ILE A 698 11.46 7.29 -18.86
CA ILE A 698 10.20 7.17 -19.63
C ILE A 698 9.19 8.17 -19.05
N SER A 699 8.67 9.08 -19.88
CA SER A 699 7.74 10.12 -19.40
C SER A 699 6.50 10.05 -20.22
N GLY A 700 5.39 10.51 -19.68
CA GLY A 700 4.14 10.54 -20.42
C GLY A 700 3.03 11.18 -19.63
N PRO A 701 1.86 11.38 -20.26
CA PRO A 701 0.66 11.92 -19.60
C PRO A 701 -0.10 10.85 -18.84
N ILE A 702 -0.95 11.25 -17.91
CA ILE A 702 -1.95 10.41 -17.33
C ILE A 702 -3.26 11.17 -17.34
N PHE A 703 -4.33 10.45 -17.65
CA PHE A 703 -5.70 10.95 -17.61
C PHE A 703 -6.46 10.10 -16.59
N ASP A 704 -6.81 10.72 -15.45
CA ASP A 704 -7.58 10.07 -14.38
C ASP A 704 -8.60 11.03 -13.76
N TYR A 705 -9.55 11.46 -14.59
CA TYR A 705 -10.55 12.43 -14.20
C TYR A 705 -11.54 11.92 -13.14
N ASN A 706 -11.79 10.61 -13.12
CA ASN A 706 -12.63 9.99 -12.09
C ASN A 706 -11.82 9.39 -10.95
N TYR A 707 -10.55 9.79 -10.80
CA TYR A 707 -9.66 9.46 -9.66
C TYR A 707 -9.81 8.03 -9.11
N ASP A 708 -9.80 7.06 -10.01
CA ASP A 708 -9.92 5.65 -9.62
C ASP A 708 -8.59 4.91 -9.76
N GLY A 709 -7.50 5.65 -10.00
CA GLY A 709 -6.18 5.05 -10.14
C GLY A 709 -6.00 4.24 -11.43
N LEU A 710 -6.99 4.30 -12.34
CA LEU A 710 -7.01 3.54 -13.57
C LEU A 710 -7.08 4.47 -14.79
N ARG A 711 -6.46 4.04 -15.87
CA ARG A 711 -6.44 4.72 -17.14
C ARG A 711 -7.86 5.07 -17.62
N ASP A 712 -8.11 6.37 -17.80
CA ASP A 712 -9.37 6.86 -18.38
C ASP A 712 -9.58 6.44 -19.84
N THR A 713 -10.82 6.15 -20.21
CA THR A 713 -11.22 6.04 -21.62
C THR A 713 -11.50 7.47 -22.13
N GLU A 714 -11.70 7.62 -23.44
CA GLU A 714 -11.97 8.94 -24.03
C GLU A 714 -13.17 9.60 -23.39
N ASP A 715 -14.25 8.84 -23.22
CA ASP A 715 -15.50 9.32 -22.63
C ASP A 715 -15.29 9.91 -21.22
N GLU A 716 -14.35 9.34 -20.47
CA GLU A 716 -14.03 9.78 -19.10
C GLU A 716 -13.16 11.05 -19.02
N ILE A 717 -12.67 11.57 -20.16
CA ILE A 717 -11.89 12.80 -20.18
C ILE A 717 -12.84 13.97 -20.10
N LYS A 718 -12.54 14.92 -19.21
CA LYS A 718 -13.45 16.02 -18.90
C LYS A 718 -12.95 17.39 -19.27
N GLN A 719 -11.72 17.50 -19.72
CA GLN A 719 -11.20 18.77 -20.13
C GLN A 719 -10.32 18.65 -21.38
N TYR A 720 -10.51 19.62 -22.28
CA TYR A 720 -9.80 19.73 -23.54
C TYR A 720 -9.19 21.13 -23.63
N VAL A 721 -8.10 21.23 -24.38
CA VAL A 721 -7.52 22.54 -24.70
C VAL A 721 -8.61 23.25 -25.51
N GLU A 722 -8.86 24.50 -25.14
CA GLU A 722 -9.97 25.31 -25.69
C GLU A 722 -10.28 25.08 -27.19
N GLY A 723 -11.54 24.78 -27.49
CA GLY A 723 -12.03 24.55 -28.84
C GLY A 723 -11.27 23.54 -29.68
N SER A 724 -10.68 22.54 -29.01
CA SER A 724 -9.90 21.49 -29.67
C SER A 724 -10.36 20.17 -29.11
N SER A 725 -9.82 19.09 -29.64
CA SER A 725 -9.98 17.83 -28.96
C SER A 725 -8.63 17.28 -28.53
N ILE A 726 -7.75 18.18 -28.08
CA ILE A 726 -6.53 17.80 -27.42
C ILE A 726 -6.92 17.65 -25.94
N PRO A 727 -6.87 16.43 -25.41
CA PRO A 727 -7.27 16.22 -24.02
C PRO A 727 -6.20 16.69 -23.04
N VAL A 728 -6.63 17.17 -21.87
CA VAL A 728 -5.74 17.69 -20.85
C VAL A 728 -5.39 16.63 -19.81
N PRO A 729 -4.11 16.30 -19.68
CA PRO A 729 -3.75 15.32 -18.65
C PRO A 729 -3.98 15.79 -17.21
N THR A 730 -4.39 14.88 -16.34
CA THR A 730 -4.47 15.17 -14.92
C THR A 730 -3.10 15.09 -14.24
N HIS A 731 -2.16 14.34 -14.80
CA HIS A 731 -0.87 14.10 -14.17
C HIS A 731 0.14 13.82 -15.28
N TYR A 732 1.42 14.02 -14.97
CA TYR A 732 2.51 13.61 -15.81
C TYR A 732 3.41 12.72 -14.98
N TYR A 733 3.84 11.61 -15.57
CA TYR A 733 4.70 10.61 -14.92
C TYR A 733 6.10 10.65 -15.46
N SER A 734 7.03 10.18 -14.64
CA SER A 734 8.32 9.76 -15.14
C SER A 734 8.80 8.53 -14.43
N ILE A 735 9.42 7.63 -15.18
CA ILE A 735 10.05 6.47 -14.62
C ILE A 735 11.51 6.57 -14.97
N ILE A 736 12.34 6.63 -13.93
CA ILE A 736 13.79 6.83 -14.04
C ILE A 736 14.52 5.57 -13.53
N THR A 737 15.19 4.87 -14.46
CA THR A 737 15.87 3.60 -14.18
C THR A 737 17.36 3.70 -14.40
N SER A 738 18.12 2.94 -13.61
CA SER A 738 19.56 2.87 -13.77
C SER A 738 20.04 1.56 -13.15
N CYS A 739 21.34 1.34 -13.12
CA CYS A 739 21.90 0.11 -12.58
C CYS A 739 22.03 0.22 -11.08
N LEU A 740 21.57 -0.79 -10.35
CA LEU A 740 21.66 -0.80 -8.89
C LEU A 740 23.11 -0.64 -8.41
N ASP A 741 24.00 -1.39 -9.03
CA ASP A 741 25.43 -1.12 -8.96
C ASP A 741 25.76 0.12 -9.83
N PHE A 742 25.83 1.29 -9.20
CA PHE A 742 26.12 2.55 -9.93
C PHE A 742 27.47 2.63 -10.64
N THR A 743 28.43 1.77 -10.28
CA THR A 743 29.69 1.73 -11.03
C THR A 743 29.50 1.23 -12.46
N GLN A 744 28.45 0.44 -12.69
CA GLN A 744 28.06 0.07 -14.05
C GLN A 744 27.08 1.11 -14.58
N PRO A 745 27.32 1.64 -15.79
CA PRO A 745 26.38 2.64 -16.33
C PRO A 745 25.06 2.01 -16.75
N ALA A 746 24.07 2.87 -16.98
CA ALA A 746 22.70 2.42 -17.16
C ALA A 746 22.51 1.59 -18.42
N ASP A 747 23.23 1.92 -19.50
CA ASP A 747 23.08 1.21 -20.78
C ASP A 747 23.89 -0.12 -20.87
N LYS A 748 24.78 -0.35 -19.92
CA LYS A 748 25.58 -1.59 -19.86
C LYS A 748 25.53 -2.18 -18.44
N CYS A 749 24.34 -2.58 -17.98
CA CYS A 749 24.15 -3.07 -16.61
C CYS A 749 24.02 -4.59 -16.61
N ASP A 750 24.88 -5.26 -15.83
CA ASP A 750 24.88 -6.74 -15.70
C ASP A 750 23.84 -7.25 -14.74
N GLY A 751 23.49 -6.44 -13.74
CA GLY A 751 22.81 -6.92 -12.53
C GLY A 751 21.41 -6.39 -12.30
N PRO A 752 21.00 -6.30 -11.02
CA PRO A 752 19.72 -5.67 -10.67
C PRO A 752 19.60 -4.22 -11.10
N LEU A 753 18.35 -3.78 -11.27
CA LEU A 753 17.98 -2.42 -11.60
C LEU A 753 17.56 -1.63 -10.35
N SER A 754 17.67 -0.30 -10.46
CA SER A 754 17.19 0.63 -9.46
C SER A 754 16.26 1.63 -10.16
N VAL A 755 15.09 1.84 -9.57
CA VAL A 755 14.07 2.69 -10.15
C VAL A 755 13.56 3.71 -9.11
N SER A 756 13.21 4.90 -9.59
CA SER A 756 12.36 5.82 -8.85
C SER A 756 11.45 6.46 -9.87
N SER A 757 10.21 6.71 -9.46
CA SER A 757 9.19 7.24 -10.34
C SER A 757 8.39 8.29 -9.63
N PHE A 758 7.65 9.06 -10.41
CA PHE A 758 6.66 9.94 -9.83
C PHE A 758 5.46 10.16 -10.73
N ILE A 759 4.38 10.64 -10.11
CA ILE A 759 3.15 11.01 -10.79
C ILE A 759 2.80 12.41 -10.33
N LEU A 760 3.22 13.39 -11.11
CA LEU A 760 3.01 14.81 -10.77
C LEU A 760 1.62 15.24 -11.15
N PRO A 761 0.88 15.89 -10.24
CA PRO A 761 -0.42 16.35 -10.66
C PRO A 761 -0.24 17.60 -11.49
N HIS A 762 -1.11 17.73 -12.48
CA HIS A 762 -1.02 18.75 -13.48
C HIS A 762 -1.96 19.85 -13.10
N ARG A 763 -1.44 20.79 -12.32
CA ARG A 763 -2.24 21.79 -11.61
C ARG A 763 -1.97 23.16 -12.19
N PRO A 764 -3.01 24.00 -12.35
CA PRO A 764 -2.88 25.36 -12.88
C PRO A 764 -2.36 26.40 -11.90
N ASP A 765 -2.03 25.97 -10.69
CA ASP A 765 -1.41 26.80 -9.68
C ASP A 765 -0.43 25.91 -8.92
N ASN A 766 0.43 26.55 -8.14
CA ASN A 766 1.30 25.85 -7.21
C ASN A 766 0.93 26.12 -5.73
N ASP A 767 -0.37 26.10 -5.46
CA ASP A 767 -0.88 26.31 -4.10
C ASP A 767 -0.46 25.19 -3.17
N GLU A 768 -0.26 23.98 -3.71
CA GLU A 768 0.30 22.89 -2.94
C GLU A 768 1.66 23.25 -2.31
N SER A 769 2.48 24.00 -3.03
CA SER A 769 3.80 24.40 -2.58
C SER A 769 3.80 25.82 -1.98
N CYS A 770 3.86 25.89 -0.64
CA CYS A 770 3.79 27.18 0.06
C CYS A 770 5.03 28.06 -0.14
N ALA A 771 6.13 27.49 -0.61
CA ALA A 771 7.34 28.22 -0.99
C ALA A 771 7.46 28.52 -2.51
N SER A 772 6.38 28.35 -3.29
CA SER A 772 6.48 28.44 -4.77
C SER A 772 6.77 29.84 -5.35
N SER A 773 6.66 30.90 -4.56
CA SER A 773 7.05 32.23 -5.04
C SER A 773 8.58 32.40 -5.04
N GLU A 774 9.30 31.44 -4.47
CA GLU A 774 10.75 31.41 -4.50
C GLU A 774 11.24 30.66 -5.73
N ASP A 775 12.57 30.59 -5.84
CA ASP A 775 13.26 29.84 -6.88
C ASP A 775 12.88 28.37 -6.82
N GLU A 776 12.83 27.73 -7.98
CA GLU A 776 12.43 26.33 -8.10
C GLU A 776 13.31 25.38 -7.28
N SER A 777 14.60 25.71 -7.16
CA SER A 777 15.52 25.00 -6.27
C SER A 777 15.05 24.87 -4.80
N LYS A 778 14.10 25.70 -4.39
CA LYS A 778 13.56 25.72 -3.03
C LYS A 778 12.34 24.81 -2.78
N TRP A 779 11.70 24.30 -3.83
CA TRP A 779 10.39 23.63 -3.66
C TRP A 779 9.97 22.53 -4.64
N VAL A 780 10.46 22.54 -5.88
CA VAL A 780 10.00 21.57 -6.87
C VAL A 780 10.37 20.16 -6.47
N GLU A 781 11.60 19.97 -6.03
CA GLU A 781 12.06 18.64 -5.66
C GLU A 781 11.29 18.08 -4.46
N GLU A 782 10.98 18.92 -3.47
CA GLU A 782 10.18 18.47 -2.32
C GLU A 782 8.81 18.07 -2.84
N LEU A 783 8.20 18.88 -3.72
CA LEU A 783 6.94 18.53 -4.36
C LEU A 783 7.01 17.18 -5.10
N MET A 784 8.10 16.95 -5.82
CA MET A 784 8.25 15.69 -6.53
C MET A 784 8.28 14.46 -5.62
N LYS A 785 9.00 14.58 -4.50
CA LYS A 785 9.19 13.49 -3.56
C LYS A 785 7.89 13.12 -2.87
N MET A 786 7.06 14.12 -2.62
CA MET A 786 5.71 13.91 -2.11
C MET A 786 4.88 13.03 -3.04
N HIS A 787 5.14 13.14 -4.35
CA HIS A 787 4.37 12.47 -5.36
C HIS A 787 5.10 11.30 -5.99
N THR A 788 6.04 10.75 -5.23
CA THR A 788 6.71 9.50 -5.57
C THR A 788 5.64 8.42 -5.83
N ALA A 789 6.01 7.45 -6.67
CA ALA A 789 5.07 6.45 -7.14
C ALA A 789 5.79 5.16 -7.47
N ARG A 790 5.04 4.06 -7.50
CA ARG A 790 5.57 2.78 -7.96
C ARG A 790 5.41 2.75 -9.46
N VAL A 791 6.23 2.00 -10.19
CA VAL A 791 5.98 1.79 -11.60
C VAL A 791 4.58 1.19 -11.82
N ARG A 792 4.22 0.27 -10.95
CA ARG A 792 2.90 -0.37 -10.99
C ARG A 792 1.69 0.60 -10.96
N ASP A 793 1.79 1.66 -10.17
CA ASP A 793 0.79 2.75 -10.15
C ASP A 793 0.62 3.42 -11.53
N ILE A 794 1.75 3.72 -12.16
CA ILE A 794 1.80 4.23 -13.53
C ILE A 794 1.20 3.25 -14.55
N GLU A 795 1.47 1.94 -14.39
CA GLU A 795 0.89 0.92 -15.27
C GLU A 795 -0.62 0.88 -15.17
N HIS A 796 -1.16 0.94 -13.95
CA HIS A 796 -2.62 1.00 -13.79
C HIS A 796 -3.16 2.29 -14.43
N LEU A 797 -2.45 3.41 -14.23
CA LEU A 797 -2.91 4.70 -14.73
C LEU A 797 -2.80 4.91 -16.25
N THR A 798 -1.99 4.08 -16.91
CA THR A 798 -1.69 4.24 -18.35
C THR A 798 -2.00 3.03 -19.22
N GLY A 799 -2.28 1.87 -18.63
CA GLY A 799 -2.53 0.68 -19.39
C GLY A 799 -1.32 0.21 -20.19
N LEU A 800 -0.12 0.53 -19.70
CA LEU A 800 1.17 0.14 -20.26
C LEU A 800 1.84 -0.89 -19.34
N ASP A 801 2.69 -1.75 -19.89
CA ASP A 801 3.50 -2.74 -19.17
C ASP A 801 4.96 -2.46 -19.54
N PHE A 802 5.78 -2.11 -18.55
CA PHE A 802 7.19 -1.76 -18.76
C PHE A 802 8.06 -2.96 -18.48
N TYR A 803 9.36 -2.82 -18.74
CA TYR A 803 10.36 -3.88 -18.43
C TYR A 803 10.12 -5.26 -19.07
N ARG A 804 9.57 -5.27 -20.28
CA ARG A 804 9.39 -6.53 -21.01
C ARG A 804 10.67 -7.19 -21.59
N LYS A 805 11.77 -6.45 -21.71
CA LYS A 805 13.02 -6.98 -22.28
C LYS A 805 14.20 -6.66 -21.38
N THR A 806 14.48 -7.58 -20.47
CA THR A 806 15.56 -7.44 -19.52
C THR A 806 16.20 -8.80 -19.37
N SER A 807 17.37 -8.84 -18.75
CA SER A 807 18.01 -10.09 -18.38
C SER A 807 17.51 -10.65 -17.03
N ARG A 808 16.49 -10.06 -16.42
CA ARG A 808 16.09 -10.46 -15.08
C ARG A 808 14.84 -11.34 -15.10
N SER A 809 14.69 -12.17 -14.09
CA SER A 809 13.47 -12.97 -13.93
C SER A 809 12.27 -12.04 -13.80
N TYR A 810 11.11 -12.55 -14.19
CA TYR A 810 9.94 -11.76 -14.20
C TYR A 810 9.43 -11.46 -12.76
N SER A 811 9.59 -12.41 -11.86
CA SER A 811 9.33 -12.18 -10.43
C SER A 811 10.13 -11.05 -9.88
N GLU A 812 11.40 -10.99 -10.25
CA GLU A 812 12.28 -9.92 -9.79
C GLU A 812 11.85 -8.58 -10.35
N ILE A 813 11.35 -8.59 -11.59
CA ILE A 813 10.81 -7.40 -12.22
C ILE A 813 9.52 -6.96 -11.58
N LEU A 814 8.64 -7.90 -11.25
CA LEU A 814 7.45 -7.56 -10.47
C LEU A 814 7.82 -6.85 -9.13
N THR A 815 8.86 -7.33 -8.45
CA THR A 815 9.38 -6.65 -7.26
C THR A 815 9.90 -5.25 -7.59
N LEU A 816 10.62 -5.09 -8.69
CA LEU A 816 11.04 -3.77 -9.12
C LEU A 816 9.85 -2.80 -9.35
N LYS A 817 8.78 -3.30 -9.94
CA LYS A 817 7.63 -2.49 -10.27
C LYS A 817 6.77 -2.10 -9.09
N THR A 818 6.83 -2.87 -8.00
CA THR A 818 6.15 -2.54 -6.72
C THR A 818 6.97 -1.66 -5.82
N TYR A 819 8.25 -1.51 -6.11
CA TYR A 819 9.11 -0.67 -5.29
C TYR A 819 8.67 0.82 -5.26
N LEU A 820 8.77 1.44 -4.08
CA LEU A 820 8.48 2.86 -3.89
C LEU A 820 9.67 3.56 -3.26
N HIS A 821 10.18 4.62 -3.89
CA HIS A 821 11.28 5.39 -3.29
C HIS A 821 10.58 6.41 -2.41
N THR A 822 10.75 6.29 -1.10
CA THR A 822 10.01 7.10 -0.14
C THR A 822 10.70 8.40 0.23
N TYR A 823 12.02 8.40 0.18
CA TYR A 823 12.83 9.54 0.58
C TYR A 823 12.76 9.67 2.11
N GLU A 824 13.05 8.55 2.78
CA GLU A 824 13.10 8.45 4.23
C GLU A 824 14.42 7.71 4.57
C1 NAG B . -7.70 -2.59 -6.75
C2 NAG B . -7.85 -1.78 -8.04
C3 NAG B . -9.32 -1.62 -8.27
C4 NAG B . -10.03 -2.96 -8.29
C5 NAG B . -9.64 -3.86 -7.13
C6 NAG B . -10.16 -5.29 -7.33
C7 NAG B . -6.20 -0.09 -8.60
C8 NAG B . -5.69 1.29 -8.29
N2 NAG B . -7.25 -0.47 -7.88
O3 NAG B . -9.57 -0.94 -9.49
O4 NAG B . -11.38 -2.67 -8.05
O5 NAG B . -8.24 -3.87 -7.00
O6 NAG B . -9.74 -5.86 -8.59
O7 NAG B . -5.64 -0.79 -9.47
C1 NAG B . -12.26 -3.18 -9.03
C2 NAG B . -13.62 -3.32 -8.34
C3 NAG B . -14.68 -3.72 -9.36
C4 NAG B . -14.62 -2.77 -10.59
C5 NAG B . -13.20 -2.70 -11.15
C6 NAG B . -13.07 -1.74 -12.34
C7 NAG B . -13.35 -3.87 -5.94
C8 NAG B . -13.25 -4.91 -4.85
N2 NAG B . -13.53 -4.27 -7.22
O3 NAG B . -15.96 -3.67 -8.74
O4 NAG B . -15.39 -3.29 -11.64
O5 NAG B . -12.32 -2.28 -10.14
O6 NAG B . -13.32 -0.42 -11.89
O7 NAG B . -13.24 -2.70 -5.65
C1 BMA B . -16.71 -2.81 -11.73
C2 BMA B . -17.11 -2.78 -13.21
C3 BMA B . -18.59 -2.49 -13.40
C4 BMA B . -19.39 -3.42 -12.52
C5 BMA B . -18.90 -3.33 -11.08
C6 BMA B . -19.62 -4.29 -10.15
O2 BMA B . -16.83 -4.06 -13.75
O3 BMA B . -19.01 -2.71 -14.76
O4 BMA B . -20.76 -3.02 -12.62
O5 BMA B . -17.53 -3.71 -11.03
O6 BMA B . -19.29 -3.90 -8.80
C1 MAN B . -19.87 -4.82 -7.86
C2 MAN B . -19.61 -4.28 -6.46
C3 MAN B . -18.09 -4.31 -6.29
C4 MAN B . -17.53 -5.70 -6.46
C5 MAN B . -17.92 -6.28 -7.84
C6 MAN B . -17.53 -7.74 -8.06
O2 MAN B . -20.24 -5.06 -5.43
O3 MAN B . -17.66 -3.86 -5.01
O4 MAN B . -16.12 -5.56 -6.32
O5 MAN B . -19.33 -6.15 -8.05
O6 MAN B . -17.64 -8.47 -6.82
C1 MAN B . -17.67 -2.44 -4.89
C2 MAN B . -16.67 -2.06 -3.80
C3 MAN B . -17.16 -2.42 -2.38
C4 MAN B . -18.61 -1.99 -2.18
C5 MAN B . -19.49 -2.45 -3.35
C6 MAN B . -20.94 -1.98 -3.22
O2 MAN B . -16.55 -0.65 -3.91
O3 MAN B . -16.37 -1.77 -1.36
O4 MAN B . -19.12 -2.52 -0.96
O5 MAN B . -18.98 -1.94 -4.59
O6 MAN B . -20.91 -0.55 -3.11
C1 MAN B . -15.41 -0.22 -4.69
C2 MAN B . -15.16 1.22 -4.27
C3 MAN B . -16.21 2.14 -4.89
C4 MAN B . -16.28 1.98 -6.41
C5 MAN B . -16.57 0.52 -6.71
C6 MAN B . -16.54 0.23 -8.20
O2 MAN B . -13.85 1.56 -4.67
O3 MAN B . -15.84 3.45 -4.48
O4 MAN B . -17.31 2.82 -6.93
O5 MAN B . -15.57 -0.33 -6.12
O6 MAN B . -16.91 -1.14 -8.42
C1 MAN B . -16.96 -9.75 -6.83
C2 MAN B . -17.10 -10.35 -5.42
C3 MAN B . -16.18 -9.60 -4.46
C4 MAN B . -14.74 -9.57 -4.99
C5 MAN B . -14.77 -8.85 -6.34
C6 MAN B . -13.43 -8.46 -6.98
O2 MAN B . -16.72 -11.73 -5.37
O3 MAN B . -16.25 -10.22 -3.20
O4 MAN B . -13.88 -8.90 -4.07
O5 MAN B . -15.56 -9.69 -7.19
O6 MAN B . -13.65 -7.38 -7.91
C1 MAN B . -17.68 -12.69 -5.84
C2 MAN B . -17.32 -14.02 -5.20
C3 MAN B . -16.03 -14.59 -5.81
C4 MAN B . -16.10 -14.64 -7.33
C5 MAN B . -16.45 -13.25 -7.88
C6 MAN B . -16.55 -13.29 -9.40
O2 MAN B . -18.40 -14.97 -5.28
O3 MAN B . -15.75 -15.93 -5.35
O4 MAN B . -14.85 -15.03 -7.85
O5 MAN B . -17.69 -12.81 -7.27
O6 MAN B . -17.01 -12.01 -9.82
C1 MAN B . -18.83 -1.54 -15.61
C2 MAN B . -20.06 -1.33 -16.53
C3 MAN B . -20.08 -2.22 -17.78
C4 MAN B . -18.72 -2.72 -18.27
C5 MAN B . -17.63 -2.82 -17.21
C6 MAN B . -16.28 -2.97 -17.88
O2 MAN B . -20.22 0.04 -16.99
O3 MAN B . -20.65 -1.46 -18.85
O4 MAN B . -18.93 -4.02 -18.85
O5 MAN B . -17.62 -1.67 -16.35
O6 MAN B . -16.33 -4.27 -18.49
I IOD C . -10.23 7.75 10.77
I IOD D . 24.29 5.45 -19.77
I IOD E . 15.54 -5.95 -10.87
I IOD F . -0.78 -10.30 23.83
I IOD G . -28.29 25.15 7.76
I IOD H . -13.35 27.75 21.34
I IOD I . -17.72 10.18 10.68
I IOD J . 2.12 24.35 -39.39
I IOD K . 9.55 -16.21 -12.49
I IOD L . -9.56 4.75 -25.00
I IOD M . -9.68 -17.65 14.21
I IOD N . 16.30 -6.20 9.26
ZN ZN O . -4.16 3.04 17.99
ZN ZN P . -4.12 -0.54 15.12
CA CA Q . -9.59 6.73 -14.30
C1 7CF R . -15.83 -4.92 13.93
C2 7CF R . -16.04 -6.11 14.86
C3 7CF R . -14.80 -6.33 15.73
C4 7CF R . -14.64 -5.34 16.87
C5 7CF R . -13.21 -5.20 17.31
O1 7CF R . -12.74 -4.09 17.57
N1 7CF R . -12.50 -6.34 17.38
C6 7CF R . -11.08 -6.40 17.71
N2 7CF R . -9.93 -8.03 16.47
C8 7CF R . -9.61 -9.25 15.95
O2 7CF R . -9.88 -10.30 16.51
O3 7CF R . -8.94 -9.10 14.78
C9 7CF R . -8.60 -10.29 14.00
C10 7CF R . -8.13 -9.90 12.62
C11 7CF R . -6.80 -10.10 12.20
C12 7CF R . -6.41 -9.74 10.92
CL1 7CF R . -4.77 -9.97 10.37
C13 7CF R . -7.31 -9.17 10.04
C14 7CF R . -8.61 -8.98 10.46
CL2 7CF R . -9.73 -8.24 9.35
C15 7CF R . -9.02 -9.32 11.73
C16 7CF R . -16.38 -7.42 14.12
C17 7CF R . -16.93 -8.51 15.08
C18 7CF R . -17.85 -9.42 14.23
C19 7CF R . -17.63 -8.92 12.80
C20 7CF R . -18.64 -9.33 11.72
C21 7CF R . -18.81 -10.84 11.61
O4 7CF R . -19.33 -11.40 12.83
C22 7CF R . -19.73 -11.24 10.46
C23 7CF R . -19.36 -10.59 9.12
C24 7CF R . -18.12 -11.26 8.50
C25 7CF R . -17.72 -10.64 7.16
O5 7CF R . -16.52 -11.24 6.66
C26 7CF R . -17.52 -9.15 7.32
C27 7CF R . -18.79 -8.50 7.85
C28 7CF R . -19.26 -9.04 9.23
C29 7CF R . -20.66 -8.42 9.51
C30 7CF R . -18.24 -8.70 10.37
C31 7CF R . -17.92 -7.20 10.49
C32 7CF R . -16.95 -6.87 11.62
C33 7CF R . -17.43 -7.41 12.98
C34 7CF R . -18.70 -6.66 13.44
C35 7CF R . -10.54 -7.83 17.80
C7 7CF R . -10.18 -5.68 16.70
C37 7CF R . -9.68 -6.76 15.76
NA NA S . -1.81 30.01 -23.87
NA NA T . 2.13 28.79 -3.70
S SCN U . -23.68 -12.94 25.96
C SCN U . -23.15 -11.81 27.08
N SCN U . -22.77 -11.03 27.84
S SCN V . 9.73 21.38 -21.74
C SCN V . 8.97 22.58 -20.83
N SCN V . 8.44 23.40 -20.20
S SCN W . -14.35 30.09 5.52
C SCN W . -15.56 29.24 6.31
N SCN W . -16.38 28.64 6.86
S SCN X . 8.90 -14.03 26.88
C SCN X . 9.17 -12.48 27.48
N SCN X . 9.38 -11.41 27.88
S SCN Y . 15.41 -21.07 2.27
C SCN Y . 15.10 -21.51 0.65
N SCN Y . 14.90 -21.82 -0.45
S SCN Z . -3.65 0.42 -35.14
C SCN Z . -2.89 -1.05 -35.55
N SCN Z . -2.38 -2.04 -35.84
C1 GOL AA . 1.68 30.68 -9.57
O1 GOL AA . 1.15 29.70 -8.65
C2 GOL AA . 2.58 30.01 -10.59
O2 GOL AA . 3.77 29.68 -9.91
C3 GOL AA . 2.93 30.89 -11.79
O3 GOL AA . 2.71 30.23 -13.06
C1 GOL BA . -0.27 6.84 -21.40
O1 GOL BA . 0.46 7.95 -20.87
C2 GOL BA . -1.74 6.89 -20.99
O2 GOL BA . -2.24 8.22 -21.22
C3 GOL BA . -2.64 5.89 -21.74
O3 GOL BA . -1.91 4.84 -22.37
C1 GOL CA . -0.82 16.85 31.14
O1 GOL CA . 0.57 16.70 31.47
C2 GOL CA . -1.01 18.12 30.29
O2 GOL CA . -1.44 19.19 31.14
C3 GOL CA . -2.04 17.88 29.20
O3 GOL CA . -3.34 17.72 29.76
C1 GOL DA . -9.50 20.10 22.26
O1 GOL DA . -8.27 19.36 22.15
C2 GOL DA . -10.65 19.23 21.77
O2 GOL DA . -10.85 18.16 22.71
C3 GOL DA . -11.95 20.03 21.66
O3 GOL DA . -12.72 19.59 20.54
C1 GOL EA . -16.91 17.33 15.91
O1 GOL EA . -15.47 17.34 15.77
C2 GOL EA . -17.56 18.11 14.77
O2 GOL EA . -16.74 18.05 13.60
C3 GOL EA . -18.95 17.56 14.44
O3 GOL EA . -19.76 18.55 13.77
C1 GOL FA . 4.21 -14.80 -3.46
O1 GOL FA . 4.17 -16.18 -3.09
C2 GOL FA . 2.89 -14.38 -4.09
O2 GOL FA . 1.82 -15.06 -3.43
C3 GOL FA . 2.64 -12.87 -3.96
O3 GOL FA . 3.51 -12.12 -4.81
C1 GOL GA . 17.58 -7.51 2.24
O1 GOL GA . 17.67 -8.50 1.21
C2 GOL GA . 17.29 -6.17 1.62
O2 GOL GA . 16.25 -6.35 0.66
C3 GOL GA . 16.86 -5.16 2.66
O3 GOL GA . 16.54 -3.92 2.05
S SCN HA . -4.90 3.64 0.93
C SCN HA . -6.47 3.73 0.34
N SCN HA . -7.54 3.78 -0.06
S SCN IA . -6.16 7.55 -20.73
C SCN IA . -4.89 7.57 -19.62
N SCN IA . -4.01 7.58 -18.86
S SCN JA . 6.29 -6.37 -3.46
C SCN JA . 7.87 -6.42 -2.86
N SCN JA . 8.95 -6.46 -2.44
S SCN KA . 0.46 23.57 4.28
C SCN KA . -0.73 24.33 3.36
N SCN KA . -1.54 24.85 2.72
OAA NKP LA . -15.72 -2.76 22.79
OAB NKP LA . -15.05 -0.57 21.80
PAC NKP LA . -15.69 -1.91 21.53
OAD NKP LA . -15.13 -2.67 20.34
OAE NKP LA . -21.78 -6.04 22.64
OAF NKP LA . -17.25 -1.62 21.19
CAG NKP LA . -18.26 -2.41 21.84
CAH NKP LA . -19.51 -2.47 20.99
CAI NKP LA . -20.61 -3.17 21.76
OAJ NKP LA . -20.58 -4.58 21.46
CAK NKP LA . -21.68 -5.25 21.73
CAL NKP LA . -22.80 -4.89 20.80
CAM NKP LA . -23.78 -6.01 20.55
CAN NKP LA . -24.20 -6.11 19.09
CAO NKP LA . -25.66 -6.49 18.87
CAP NKP LA . -26.62 -6.13 20.02
CAQ NKP LA . -26.54 -4.65 20.48
CAR NKP LA . -27.78 -3.79 20.19
CAS NKP LA . -28.98 -4.56 19.77
CAT NKP LA . -29.89 -5.07 20.59
CAU NKP LA . -31.05 -5.91 20.16
CAV NKP LA . -30.87 -7.38 20.48
CAW NKP LA . -30.28 -8.21 19.34
CAX NKP LA . -30.86 -9.63 19.25
CAY NKP LA . -30.32 -10.44 18.08
CAZ NKP LA . -31.23 -11.59 17.66
CBA NKP LA . -31.37 -12.67 18.72
CBB NKP LA . -31.30 -14.09 18.16
OBC NKP LA . -19.97 -1.17 20.64
#